data_7WYB
#
_entry.id   7WYB
#
loop_
_entity.id
_entity.type
_entity.pdbx_description
1 polymer 'Guanine nucleotide-binding protein G(i) subunit alpha-1'
2 polymer 'Guanine nucleotide-binding protein G(I)/G(S)/G(T) subunit beta-1'
3 polymer 'Guanine nucleotide-binding protein G(I)/G(S)/G(O) subunit gamma-2'
4 polymer scFv16
5 polymer 'Isoform 3 of Adhesion G protein-coupled receptor L3'
#
loop_
_entity_poly.entity_id
_entity_poly.type
_entity_poly.pdbx_seq_one_letter_code
_entity_poly.pdbx_strand_id
1 'polypeptide(L)'
;MGCTLSAEDKAAVERSKMIDRNLREDGEKAAREVKLLLLGAGESGKNTIVKQMKIIHEAGYSEEECKQYKAVVYSNTIQS
IIAIIRAMGRLKIDFGDSARADDARQLFVLAGAAEEGFMTAELAGVIKRLWKDSGVQACFNRSREYQLNDSAAYYLNDLD
RIAQPNYIPTQQDVLRTRVKTTGIVETHFTFKDLHFKMFDVGAQRSERKKWIHCFEGVTAIIFCVALSDYDLVLAEDEEM
NRMHASMKLFDSICNNKWFTDTSIILFLNKKDLFEEKIKKSPLTICYPEYAGSNTYEEAAAYIQCQFEDLNKRKDTKEIY
THFTCSTDTKNVQFVFDAVTDVIIKNNLKDCGLF
;
B
2 'polypeptide(L)'
;MGSLLQSELDQLRQEAEQLKNQIRDARKACADATLSQITNNIDPVGRIQMRTRRTLRGHLAKIYAMHWGTDSRLLVSASQ
DGKLIIWDSYTTNKVHAIPLRSSWVMTCAYAPSGNYVACGGLDNICSIYNLKTREGNVRVSRELAGHTGYLSCCRFLDDN
QIVTSSGDTTCALWDIETGQQTTTFTGHTGDVMSLSLAPDTRLFVSGACDASAKLWDVREGMCRQTFTGHESDINAICFF
PNGNAFATGSDDATCRLFDLRADQELMTYSHDNIICGITSVSFSKSGRLLLAGYDDFNCNVWDALKADRAGVLAGHDNRV
SCLGVTDDGMAVATGSWDSFLKIWN
;
C
3 'polypeptide(L)' MASNNTASIAQARKLVEQLKMEANIDRIKVSKAAADLMAYCEAHAKEDPLLTPVPASENPFREKKFFCAIL D
4 'polypeptide(L)'
;VQLVESGGGLVQPGGSRKLSCSASGFAFSSFGMHWVRQAPEKGLEWVAYISSGSGTIYYADTVKGRFTISRDDPKNTLFL
QMTSLRSEDTAMYYCVRSIYYYGSSPFDFWGQGTTLTVSAGGGGSGGGGSGGGGSADIVMTQATSSVPVTPGESVSISCR
SSKSLLHSNGNTYLYWFLQRPGQSPQLLIYRMSNLASGVPDRFSGSGSGTAFTLTISRLEAEDVGVYYCMQHLEYPLTFG
AGTKLEL
;
E
5 'polypeptide(L)'
;MWPPQLLILTMLLAPVVHGGKHNERHPALAAPLRHAERSPGGALPPRHLLQQPAAERSTAHRGQGPRGAARGVRGPGAPG
AQIAAQAFSRAPIPMAVVRRELSCESYPIELRCPGTDVIMIESANYGRTDDKICDSDPAQMENIRCYLPDAYKIMSQRCN
NRTQCAVVAGPDVFPDPCPGTYKYLEVQYECVPYKVEQKVFLCPGLLKGVYQSEHLFESDHQSGAWCKDPLQASDKIYYM
PWTPYRTDTLTEYSSKDDFIAGRPTTTYKLPHRVDGTGFVVYDGALFFNKERTRNIVKFDLRTRIKSGEAIIANANYHDT
SPYRWGGKSDIDLAVDENGLWVIYATEQNNGKIVISQLNPYTLRIEGTWDTAYDKRSASNAFMICGILYVVKSVYEDDDN
EATGNKIDYIYNTDQSKDSLVDVPFPNSYQYIAAVDYNPRDNLLYVWNNYHVVKYSLDFGPLDSRSGPVHHGQVSYISPP
IHLDSELERPPVRGISTTGSLGMGSTTTSTTLRTTTWNIGRSTTASLPGRRNRSTSTPSPAVEVLDDVTTHLPSAASQIP
AMEESCEAVEAREIMWFKTRQGQVAKQPCPAGTIGVSTYLCLAPDGIWDPQGPDLSNCSSPWVNHITQKLKSGETAANIA
RELAEQTRNHLNAGDITYSVRAMDQLVGLLDVQLRNLTPGGKDSAARSLNKLQKRERSCRAYVQAMVETVNNLLQPQALN
AWRDLTTSDQLRAATMLLDTVEESAFVLADNLLKTDIVRENTDNIQLEVARLSTEGNLEDLKFPENMGHGSTIQLSANTL
KQNGRNGEIRVAFVLYNNLGPYLSTENASMKLGTEAMSTNHSVIVNSPVITAAINKEFSNKVYLADPVVFTVKHIKQSEE
NFNPNCSFWSYSKRTMTGYWSTQGCRLLTTNKTHTTCSCNHLTNFAVLMAHVEVKHSDAVHDLLLDVITWVGILLSLVCL
LICIFTFCFFRGLQSDRNTIHKNLCISLFVAELLFLIGINRTDQPIACAVFAALLHFFFLAAFTWMFLEGVQLYIMLVEV
FESEHSRRKYFYLVGYGMPALIVAVSAAVDYRSYGTDKVCWLRLDTYFIWSFIGPATLIIMLNVIFLGIALYKMFHHTAI
LKPESGCLDNINYEDNRPFIKSWVIGAIALLCLLGLTWAFGLMYINESTVIMAYLFTIFNSLQGMFIFIFHCVLQKKVRK
EYGKCLRTHCCSGKSTESSIGSGKTSGSRTPGRYSTGSQSRIRRMWNDTVRKQSESSFITGDINSSASLNREPYRETKGL
LNNARDTSVMDTLPLNGNHGNSYSIAGGEYLSNCVQIIDRGYNHNETALEKKILKELTSNYIPSYLNNHERSSEQNRNMM
NKLVNNLGSGSEDDAIVLDDAASFNHEESLGLELIHEESDAPLLPPRVYSTDNHQPHHYSRRRFPQDHSESFFPLLTDEH
TEDLQSPHRDSLYTSMPALAGVPAADSVTTSTQTEAAAAKGGDAEDVYYKSMPNLGSRNHVHPLHAYYQLGRGSSDGFIV
PPNKDGASPEGTSKGPAHLVTSL
;
R
#
# COMPACT_ATOMS: atom_id res chain seq x y z
N GLY A 2 -9.38 22.17 -13.99
CA GLY A 2 -8.10 22.03 -14.65
C GLY A 2 -7.93 22.96 -15.84
N CYS A 3 -7.65 24.23 -15.56
CA CYS A 3 -7.49 25.21 -16.63
C CYS A 3 -6.17 25.02 -17.37
N THR A 4 -5.15 24.47 -16.71
CA THR A 4 -3.85 24.27 -17.31
C THR A 4 -3.62 22.83 -17.76
N LEU A 5 -4.66 22.00 -17.77
CA LEU A 5 -4.56 20.61 -18.18
C LEU A 5 -4.97 20.45 -19.63
N SER A 6 -4.32 19.53 -20.33
CA SER A 6 -4.71 19.18 -21.68
C SER A 6 -6.09 18.54 -21.66
N ALA A 7 -6.64 18.33 -22.85
CA ALA A 7 -7.98 17.77 -22.95
C ALA A 7 -8.02 16.32 -22.56
N GLU A 8 -6.86 15.66 -22.49
CA GLU A 8 -6.79 14.23 -22.26
C GLU A 8 -6.19 13.84 -20.92
N ASP A 9 -5.48 14.75 -20.25
CA ASP A 9 -5.00 14.45 -18.90
C ASP A 9 -6.11 14.49 -17.87
N LYS A 10 -7.23 15.14 -18.19
CA LYS A 10 -8.36 15.14 -17.27
C LYS A 10 -8.89 13.73 -17.07
N ALA A 11 -9.01 12.96 -18.15
CA ALA A 11 -9.45 11.58 -18.02
C ALA A 11 -8.41 10.75 -17.27
N ALA A 12 -7.13 11.06 -17.43
CA ALA A 12 -6.09 10.37 -16.67
C ALA A 12 -6.27 10.59 -15.17
N VAL A 13 -6.50 11.85 -14.77
CA VAL A 13 -6.72 12.13 -13.36
C VAL A 13 -7.99 11.44 -12.86
N GLU A 14 -9.04 11.43 -13.69
CA GLU A 14 -10.26 10.73 -13.31
C GLU A 14 -10.01 9.26 -13.05
N ARG A 15 -9.27 8.60 -13.94
CA ARG A 15 -8.94 7.19 -13.79
C ARG A 15 -8.17 6.94 -12.50
N SER A 16 -7.13 7.75 -12.25
CA SER A 16 -6.32 7.55 -11.05
C SER A 16 -7.16 7.71 -9.78
N LYS A 17 -8.03 8.73 -9.75
CA LYS A 17 -8.87 8.93 -8.57
C LYS A 17 -9.82 7.76 -8.35
N MET A 18 -10.40 7.23 -9.41
CA MET A 18 -11.36 6.14 -9.23
C MET A 18 -10.67 4.87 -8.74
N ILE A 19 -9.45 4.61 -9.24
CA ILE A 19 -8.70 3.47 -8.72
C ILE A 19 -8.34 3.66 -7.25
N ASP A 20 -8.03 4.90 -6.83
CA ASP A 20 -7.78 5.14 -5.41
C ASP A 20 -9.01 4.85 -4.58
N ARG A 21 -10.19 5.24 -5.06
CA ARG A 21 -11.42 4.92 -4.33
C ARG A 21 -11.58 3.41 -4.16
N ASN A 22 -11.36 2.66 -5.25
CA ASN A 22 -11.54 1.21 -5.15
C ASN A 22 -10.52 0.56 -4.21
N LEU A 23 -9.25 0.99 -4.28
CA LEU A 23 -8.26 0.47 -3.34
C LEU A 23 -8.68 0.74 -1.90
N ARG A 24 -9.12 1.97 -1.61
CA ARG A 24 -9.47 2.30 -0.23
C ARG A 24 -10.63 1.44 0.26
N GLU A 25 -11.65 1.26 -0.57
CA GLU A 25 -12.77 0.42 -0.14
C GLU A 25 -12.32 -1.02 0.10
N ASP A 26 -11.48 -1.56 -0.79
CA ASP A 26 -11.03 -2.94 -0.63
C ASP A 26 -10.19 -3.11 0.64
N GLY A 27 -9.26 -2.19 0.88
CA GLY A 27 -8.43 -2.27 2.06
C GLY A 27 -9.13 -1.89 3.34
N GLU A 28 -10.34 -1.30 3.24
CA GLU A 28 -11.15 -1.10 4.44
C GLU A 28 -11.97 -2.35 4.75
N LYS A 29 -12.46 -3.04 3.70
CA LYS A 29 -13.17 -4.29 3.93
C LYS A 29 -12.24 -5.46 4.21
N ALA A 30 -10.93 -5.28 4.02
CA ALA A 30 -9.94 -6.31 4.33
C ALA A 30 -9.27 -6.08 5.68
N ALA A 31 -9.99 -5.56 6.67
CA ALA A 31 -9.50 -5.43 8.03
C ALA A 31 -10.57 -5.79 9.05
N ARG A 32 -11.49 -6.69 8.69
CA ARG A 32 -12.60 -7.06 9.55
C ARG A 32 -12.74 -8.58 9.70
N GLU A 33 -11.98 -9.36 8.94
CA GLU A 33 -11.91 -10.80 9.11
C GLU A 33 -10.81 -11.11 10.11
N VAL A 34 -10.95 -12.24 10.82
CA VAL A 34 -10.06 -12.55 11.93
C VAL A 34 -9.00 -13.53 11.46
N LYS A 35 -7.73 -13.14 11.64
CA LYS A 35 -6.59 -13.97 11.27
C LYS A 35 -6.30 -15.02 12.34
N LEU A 36 -5.78 -16.16 11.89
CA LEU A 36 -5.30 -17.20 12.80
C LEU A 36 -4.17 -17.94 12.10
N LEU A 37 -3.11 -18.24 12.84
CA LEU A 37 -2.00 -19.01 12.27
C LEU A 37 -1.92 -20.37 12.96
N LEU A 38 -1.93 -21.45 12.18
CA LEU A 38 -1.99 -22.81 12.72
C LEU A 38 -0.61 -23.45 12.70
N LEU A 39 -0.31 -24.24 13.73
CA LEU A 39 0.94 -24.97 13.80
C LEU A 39 0.77 -26.27 14.60
N GLY A 40 1.72 -27.17 14.37
CA GLY A 40 1.77 -28.44 15.06
C GLY A 40 2.75 -29.37 14.39
N ALA A 41 3.42 -30.21 15.16
CA ALA A 41 4.33 -31.19 14.57
C ALA A 41 3.54 -32.16 13.68
N GLY A 42 4.28 -32.87 12.83
CA GLY A 42 3.63 -33.78 11.90
C GLY A 42 2.92 -34.91 12.64
N GLU A 43 1.77 -35.31 12.09
CA GLU A 43 0.96 -36.40 12.62
C GLU A 43 0.48 -36.14 14.05
N SER A 44 0.35 -34.87 14.43
CA SER A 44 -0.08 -34.51 15.78
C SER A 44 -1.55 -34.16 15.85
N GLY A 45 -2.32 -34.42 14.79
CA GLY A 45 -3.74 -34.19 14.81
C GLY A 45 -4.22 -32.93 14.13
N LYS A 46 -3.34 -32.21 13.43
CA LYS A 46 -3.77 -31.02 12.69
C LYS A 46 -4.87 -31.37 11.70
N ASN A 47 -4.76 -32.54 11.07
CA ASN A 47 -5.83 -33.02 10.21
C ASN A 47 -7.12 -33.22 10.98
N THR A 48 -7.02 -33.80 12.19
CA THR A 48 -8.21 -33.97 13.02
C THR A 48 -8.80 -32.61 13.42
N ILE A 49 -7.94 -31.64 13.73
CA ILE A 49 -8.41 -30.33 14.13
C ILE A 49 -9.17 -29.66 12.99
N VAL A 50 -8.61 -29.71 11.77
CA VAL A 50 -9.30 -29.08 10.64
C VAL A 50 -10.55 -29.86 10.26
N LYS A 51 -10.55 -31.18 10.47
CA LYS A 51 -11.71 -31.99 10.08
C LYS A 51 -12.88 -31.77 11.03
N GLN A 52 -12.63 -31.75 12.34
CA GLN A 52 -13.72 -31.65 13.31
C GLN A 52 -14.46 -30.34 13.19
N MET A 53 -13.73 -29.24 12.99
CA MET A 53 -14.32 -27.91 12.99
C MET A 53 -14.87 -27.52 11.62
N LYS A 54 -14.64 -28.36 10.60
CA LYS A 54 -15.22 -28.18 9.26
C LYS A 54 -14.76 -26.87 8.61
N ILE A 55 -13.46 -26.76 8.37
CA ILE A 55 -12.92 -25.58 7.69
C ILE A 55 -12.24 -25.98 6.38
N THR A 182 3.15 -26.88 -3.24
CA THR A 182 2.04 -26.67 -2.32
C THR A 182 2.13 -25.32 -1.61
N GLY A 183 3.14 -25.16 -0.76
CA GLY A 183 3.28 -23.91 -0.02
C GLY A 183 2.17 -23.76 1.01
N ILE A 184 1.91 -22.50 1.38
CA ILE A 184 0.86 -22.21 2.34
C ILE A 184 -0.46 -22.74 1.84
N VAL A 185 -1.28 -23.22 2.76
CA VAL A 185 -2.66 -23.62 2.48
C VAL A 185 -3.56 -22.75 3.35
N GLU A 186 -4.39 -21.95 2.73
CA GLU A 186 -5.30 -21.09 3.46
C GLU A 186 -6.67 -21.75 3.54
N THR A 187 -7.40 -21.40 4.57
CA THR A 187 -8.76 -21.91 4.66
C THR A 187 -9.62 -20.91 5.42
N HIS A 188 -10.95 -20.93 5.13
CA HIS A 188 -11.85 -19.88 5.60
C HIS A 188 -13.17 -20.50 6.04
N PHE A 189 -13.77 -19.92 7.07
CA PHE A 189 -15.13 -20.30 7.44
C PHE A 189 -15.82 -19.13 8.13
N THR A 190 -17.13 -19.25 8.32
CA THR A 190 -17.95 -18.17 8.84
C THR A 190 -18.78 -18.66 10.02
N PHE A 191 -18.66 -17.98 11.16
CA PHE A 191 -19.37 -18.39 12.36
C PHE A 191 -19.65 -17.18 13.23
N LYS A 192 -20.85 -17.12 13.79
CA LYS A 192 -21.27 -16.03 14.69
C LYS A 192 -20.96 -14.67 14.08
N ASP A 193 -21.35 -14.50 12.82
CA ASP A 193 -21.22 -13.24 12.09
C ASP A 193 -19.78 -12.77 11.98
N LEU A 194 -18.82 -13.67 12.13
CA LEU A 194 -17.42 -13.34 11.90
C LEU A 194 -16.81 -14.32 10.90
N HIS A 195 -15.97 -13.79 10.02
CA HIS A 195 -15.27 -14.58 9.04
C HIS A 195 -13.87 -14.89 9.56
N PHE A 196 -13.58 -16.16 9.75
CA PHE A 196 -12.31 -16.63 10.28
C PHE A 196 -11.44 -17.16 9.16
N LYS A 197 -10.14 -16.85 9.25
CA LYS A 197 -9.17 -17.18 8.21
C LYS A 197 -7.98 -17.87 8.86
N MET A 198 -7.82 -19.16 8.61
CA MET A 198 -6.74 -19.97 9.20
C MET A 198 -5.69 -20.25 8.15
N PHE A 199 -4.45 -19.87 8.46
CA PHE A 199 -3.32 -20.17 7.60
C PHE A 199 -2.66 -21.44 8.12
N ASP A 200 -2.82 -22.54 7.38
CA ASP A 200 -2.14 -23.79 7.68
C ASP A 200 -0.88 -23.81 6.84
N VAL A 201 0.27 -23.90 7.49
CA VAL A 201 1.55 -23.71 6.85
C VAL A 201 2.45 -24.93 7.03
N GLY A 202 1.87 -26.09 7.31
CA GLY A 202 2.66 -27.27 7.59
C GLY A 202 3.23 -27.97 6.40
N ALA A 203 2.84 -27.58 5.19
CA ALA A 203 3.32 -28.24 3.98
C ALA A 203 4.69 -27.77 3.55
N GLN A 204 5.25 -26.76 4.18
CA GLN A 204 6.55 -26.22 3.79
C GLN A 204 7.65 -26.83 4.65
N ARG A 205 8.82 -27.01 4.03
CA ARG A 205 9.98 -27.57 4.71
C ARG A 205 11.20 -26.68 4.64
N SER A 206 11.01 -25.40 4.31
CA SER A 206 12.11 -24.46 4.20
C SER A 206 12.43 -23.84 5.57
N GLU A 207 13.46 -23.00 5.60
CA GLU A 207 13.88 -22.37 6.86
C GLU A 207 12.82 -21.37 7.33
N ARG A 208 12.58 -21.36 8.65
CA ARG A 208 11.50 -20.58 9.24
C ARG A 208 11.87 -19.15 9.56
N LYS A 209 13.16 -18.78 9.46
CA LYS A 209 13.53 -17.39 9.72
C LYS A 209 12.98 -16.42 8.68
N LYS A 210 12.49 -16.91 7.55
CA LYS A 210 12.18 -16.06 6.40
C LYS A 210 10.70 -15.89 6.13
N TRP A 211 9.88 -16.91 6.32
CA TRP A 211 8.48 -16.82 5.94
C TRP A 211 7.55 -16.63 7.12
N ILE A 212 8.07 -16.28 8.30
CA ILE A 212 7.19 -16.11 9.46
C ILE A 212 7.07 -14.66 9.89
N HIS A 213 8.03 -13.79 9.54
CA HIS A 213 7.91 -12.41 9.96
C HIS A 213 6.81 -11.68 9.21
N CYS A 214 6.33 -12.24 8.10
CA CYS A 214 5.14 -11.74 7.44
C CYS A 214 3.86 -12.19 8.12
N PHE A 215 3.95 -12.70 9.34
CA PHE A 215 2.80 -13.19 10.08
C PHE A 215 2.67 -12.48 11.42
N GLU A 216 3.22 -11.28 11.55
CA GLU A 216 3.21 -10.58 12.82
C GLU A 216 1.96 -9.77 13.09
N GLY A 217 0.91 -9.91 12.29
CA GLY A 217 -0.27 -9.10 12.52
C GLY A 217 -1.47 -9.92 12.92
N VAL A 218 -1.25 -11.20 13.18
CA VAL A 218 -2.34 -12.12 13.42
C VAL A 218 -2.78 -12.02 14.87
N THR A 219 -4.06 -12.26 15.11
CA THR A 219 -4.58 -12.29 16.47
C THR A 219 -3.95 -13.42 17.29
N ALA A 220 -3.94 -14.64 16.77
CA ALA A 220 -3.68 -15.80 17.61
C ALA A 220 -2.92 -16.90 16.87
N ILE A 221 -2.17 -17.68 17.65
CA ILE A 221 -1.42 -18.84 17.16
C ILE A 221 -2.05 -20.09 17.75
N ILE A 222 -2.66 -20.92 16.91
CA ILE A 222 -3.14 -22.22 17.35
C ILE A 222 -1.99 -23.22 17.27
N PHE A 223 -1.82 -24.00 18.33
CA PHE A 223 -0.73 -24.96 18.47
C PHE A 223 -1.35 -26.27 18.90
N CYS A 224 -1.28 -27.29 18.05
CA CYS A 224 -1.94 -28.56 18.33
C CYS A 224 -0.92 -29.65 18.64
N VAL A 225 -1.10 -30.34 19.77
CA VAL A 225 -0.28 -31.51 20.12
C VAL A 225 -1.16 -32.56 20.77
N ALA A 226 -0.58 -33.76 20.92
CA ALA A 226 -1.29 -34.92 21.43
C ALA A 226 -0.56 -35.51 22.63
N LEU A 227 -1.34 -35.94 23.62
CA LEU A 227 -0.79 -36.46 24.86
C LEU A 227 -0.38 -37.93 24.78
N SER A 228 -0.81 -38.64 23.73
CA SER A 228 -0.54 -40.08 23.67
C SER A 228 0.91 -40.38 23.37
N ASP A 229 1.57 -39.57 22.57
CA ASP A 229 2.95 -39.84 22.14
C ASP A 229 3.97 -39.46 23.20
N TYR A 230 3.80 -39.97 24.41
CA TYR A 230 4.74 -39.71 25.49
C TYR A 230 5.92 -40.67 25.52
N ASP A 231 5.88 -41.76 24.76
CA ASP A 231 6.93 -42.77 24.77
C ASP A 231 7.65 -42.91 23.44
N LEU A 232 6.92 -42.84 22.33
CA LEU A 232 7.48 -43.15 21.01
C LEU A 232 8.68 -42.26 20.71
N VAL A 233 9.71 -42.86 20.11
CA VAL A 233 10.97 -42.18 19.84
C VAL A 233 11.04 -41.83 18.38
N LEU A 234 11.35 -40.57 18.08
CA LEU A 234 11.37 -40.07 16.72
C LEU A 234 12.77 -40.07 16.10
N ALA A 235 13.78 -40.55 16.82
CA ALA A 235 15.14 -40.52 16.34
C ALA A 235 15.94 -41.61 17.04
N GLU A 236 17.27 -41.52 16.96
CA GLU A 236 18.15 -42.51 17.55
C GLU A 236 18.23 -42.39 19.08
N ASP A 237 17.87 -41.24 19.63
CA ASP A 237 17.97 -41.01 21.08
C ASP A 237 16.64 -41.40 21.73
N GLU A 238 16.67 -42.50 22.51
CA GLU A 238 15.44 -43.01 23.12
C GLU A 238 14.86 -42.02 24.13
N GLU A 239 15.71 -41.26 24.83
CA GLU A 239 15.21 -40.28 25.77
C GLU A 239 14.44 -39.17 25.07
N MET A 240 14.82 -38.82 23.85
CA MET A 240 14.16 -37.76 23.09
C MET A 240 12.96 -38.33 22.37
N ASN A 241 11.82 -38.33 23.05
CA ASN A 241 10.56 -38.76 22.45
C ASN A 241 9.95 -37.61 21.66
N ARG A 242 8.69 -37.77 21.26
CA ARG A 242 8.00 -36.74 20.49
C ARG A 242 7.69 -35.49 21.33
N MET A 243 7.42 -35.67 22.63
CA MET A 243 7.11 -34.54 23.49
C MET A 243 8.28 -33.57 23.59
N HIS A 244 9.51 -34.08 23.53
CA HIS A 244 10.67 -33.18 23.57
C HIS A 244 10.65 -32.23 22.37
N ALA A 245 10.39 -32.76 21.17
CA ALA A 245 10.31 -31.91 19.99
C ALA A 245 9.14 -30.94 20.09
N SER A 246 7.99 -31.40 20.59
CA SER A 246 6.84 -30.49 20.71
C SER A 246 7.15 -29.35 21.68
N MET A 247 7.76 -29.65 22.81
CA MET A 247 8.04 -28.58 23.77
C MET A 247 9.16 -27.67 23.26
N LYS A 248 10.10 -28.19 22.48
CA LYS A 248 11.10 -27.32 21.87
C LYS A 248 10.48 -26.34 20.89
N LEU A 249 9.54 -26.83 20.06
CA LEU A 249 8.83 -25.93 19.15
C LEU A 249 8.04 -24.88 19.91
N PHE A 250 7.37 -25.30 20.99
CA PHE A 250 6.61 -24.35 21.80
C PHE A 250 7.50 -23.27 22.38
N ASP A 251 8.65 -23.66 22.94
CA ASP A 251 9.55 -22.68 23.52
C ASP A 251 10.12 -21.75 22.46
N SER A 252 10.40 -22.27 21.26
CA SER A 252 10.90 -21.43 20.20
C SER A 252 9.87 -20.40 19.76
N ILE A 253 8.60 -20.80 19.70
CA ILE A 253 7.56 -19.88 19.27
C ILE A 253 7.30 -18.80 20.32
N CYS A 254 7.21 -19.18 21.60
CA CYS A 254 6.82 -18.22 22.62
C CYS A 254 7.84 -17.10 22.77
N ASN A 255 9.13 -17.42 22.73
CA ASN A 255 10.20 -16.47 23.06
C ASN A 255 10.84 -15.87 21.81
N ASN A 256 10.08 -15.60 20.77
CA ASN A 256 10.58 -14.95 19.57
C ASN A 256 10.16 -13.49 19.53
N LYS A 257 10.77 -12.73 18.63
CA LYS A 257 10.58 -11.29 18.62
C LYS A 257 9.21 -10.88 18.11
N TRP A 258 8.76 -11.49 17.02
CA TRP A 258 7.54 -11.02 16.34
C TRP A 258 6.27 -11.48 17.01
N PHE A 259 6.31 -11.95 18.25
CA PHE A 259 5.12 -12.44 18.91
C PHE A 259 5.19 -12.10 20.39
N THR A 260 5.69 -10.92 20.75
CA THR A 260 5.64 -10.53 22.17
C THR A 260 4.34 -9.91 22.55
N ASP A 261 3.31 -10.01 21.72
CA ASP A 261 1.98 -9.55 22.11
C ASP A 261 0.91 -10.50 21.59
N THR A 262 1.24 -11.77 21.41
CA THR A 262 0.40 -12.71 20.68
C THR A 262 -0.11 -13.81 21.59
N SER A 263 -1.43 -13.97 21.63
CA SER A 263 -2.03 -15.05 22.37
C SER A 263 -1.80 -16.40 21.68
N ILE A 264 -1.60 -17.43 22.51
CA ILE A 264 -1.27 -18.77 22.07
C ILE A 264 -2.34 -19.72 22.59
N ILE A 265 -2.93 -20.51 21.69
CA ILE A 265 -3.99 -21.44 22.03
C ILE A 265 -3.46 -22.86 21.89
N LEU A 266 -3.42 -23.59 22.99
CA LEU A 266 -2.83 -24.94 23.02
C LEU A 266 -3.94 -25.98 23.03
N PHE A 267 -4.10 -26.68 21.90
CA PHE A 267 -5.02 -27.81 21.83
C PHE A 267 -4.29 -29.08 22.22
N LEU A 268 -4.86 -29.80 23.19
CA LEU A 268 -4.36 -31.08 23.66
C LEU A 268 -5.28 -32.19 23.15
N ASN A 269 -4.69 -33.22 22.55
CA ASN A 269 -5.44 -34.26 21.87
C ASN A 269 -5.09 -35.63 22.44
N LYS A 270 -5.84 -36.64 21.98
CA LYS A 270 -5.55 -38.06 22.24
C LYS A 270 -5.51 -38.35 23.74
N LYS A 271 -6.68 -38.20 24.36
CA LYS A 271 -6.85 -38.55 25.77
C LYS A 271 -7.24 -40.02 25.96
N ASP A 272 -8.06 -40.55 25.05
CA ASP A 272 -8.55 -41.92 25.21
C ASP A 272 -7.41 -42.92 25.16
N LEU A 273 -6.59 -42.85 24.10
CA LEU A 273 -5.44 -43.73 24.00
C LEU A 273 -4.45 -43.47 25.13
N PHE A 274 -4.38 -42.23 25.62
CA PHE A 274 -3.49 -41.94 26.74
C PHE A 274 -3.89 -42.72 27.99
N GLU A 275 -5.18 -42.71 28.33
CA GLU A 275 -5.65 -43.48 29.47
C GLU A 275 -5.46 -44.98 29.24
N GLU A 276 -5.82 -45.45 28.05
CA GLU A 276 -5.69 -46.88 27.78
C GLU A 276 -4.26 -47.34 27.69
N LYS A 277 -3.30 -46.41 27.55
CA LYS A 277 -1.89 -46.75 27.62
C LYS A 277 -1.35 -46.71 29.04
N ILE A 278 -1.66 -45.64 29.78
CA ILE A 278 -1.12 -45.52 31.13
C ILE A 278 -1.75 -46.51 32.09
N LYS A 279 -2.88 -47.12 31.72
CA LYS A 279 -3.38 -48.25 32.52
C LYS A 279 -2.38 -49.39 32.56
N LYS A 280 -1.48 -49.48 31.58
CA LYS A 280 -0.59 -50.62 31.45
C LYS A 280 0.88 -50.23 31.34
N SER A 281 1.21 -48.94 31.26
CA SER A 281 2.59 -48.51 31.11
C SER A 281 2.83 -47.31 32.00
N PRO A 282 4.03 -47.11 32.52
CA PRO A 282 4.28 -46.00 33.43
C PRO A 282 4.46 -44.69 32.68
N LEU A 283 4.65 -43.63 33.47
CA LEU A 283 4.89 -42.30 32.89
C LEU A 283 6.35 -41.90 33.01
N THR A 284 7.04 -42.35 34.06
CA THR A 284 8.41 -41.92 34.33
C THR A 284 9.38 -42.29 33.22
N ILE A 285 8.93 -43.09 32.23
CA ILE A 285 9.80 -43.44 31.11
C ILE A 285 10.29 -42.19 30.40
N CYS A 286 9.48 -41.14 30.34
CA CYS A 286 9.87 -39.86 29.79
C CYS A 286 9.99 -38.76 30.83
N TYR A 287 9.65 -39.03 32.09
CA TYR A 287 9.74 -38.06 33.18
C TYR A 287 10.42 -38.70 34.38
N PRO A 288 11.75 -38.76 34.39
CA PRO A 288 12.44 -39.38 35.53
C PRO A 288 12.60 -38.42 36.70
N GLU A 289 11.55 -37.64 36.97
CA GLU A 289 11.45 -36.86 38.20
C GLU A 289 10.02 -36.83 38.74
N TYR A 290 9.10 -37.57 38.14
CA TYR A 290 7.70 -37.50 38.52
C TYR A 290 7.44 -38.39 39.74
N ALA A 291 6.64 -37.89 40.67
CA ALA A 291 6.36 -38.57 41.93
C ALA A 291 4.87 -38.53 42.25
N GLY A 292 4.05 -38.91 41.28
CA GLY A 292 2.62 -38.86 41.48
C GLY A 292 1.90 -40.16 41.18
N SER A 293 0.58 -40.14 41.30
CA SER A 293 -0.22 -41.32 41.00
C SER A 293 -0.27 -41.58 39.50
N ASN A 294 -0.29 -42.86 39.15
CA ASN A 294 -0.38 -43.28 37.75
C ASN A 294 -1.83 -43.54 37.35
N THR A 295 -2.65 -42.50 37.47
CA THR A 295 -3.97 -42.45 36.87
C THR A 295 -3.99 -41.30 35.86
N TYR A 296 -5.15 -41.10 35.24
CA TYR A 296 -5.22 -40.12 34.15
C TYR A 296 -5.07 -38.70 34.66
N GLU A 297 -5.81 -38.35 35.71
CA GLU A 297 -5.97 -36.93 36.09
C GLU A 297 -4.64 -36.29 36.46
N GLU A 298 -3.83 -36.99 37.26
CA GLU A 298 -2.54 -36.42 37.64
C GLU A 298 -1.63 -36.25 36.43
N ALA A 299 -1.65 -37.22 35.51
CA ALA A 299 -0.85 -37.11 34.29
C ALA A 299 -1.31 -35.91 33.46
N ALA A 300 -2.63 -35.73 33.33
CA ALA A 300 -3.14 -34.61 32.54
C ALA A 300 -2.76 -33.28 33.15
N ALA A 301 -2.92 -33.15 34.46
CA ALA A 301 -2.54 -31.90 35.12
C ALA A 301 -1.04 -31.65 34.98
N TYR A 302 -0.23 -32.70 35.11
CA TYR A 302 1.21 -32.52 34.99
C TYR A 302 1.60 -32.07 33.59
N ILE A 303 1.00 -32.67 32.56
CA ILE A 303 1.32 -32.28 31.19
C ILE A 303 0.88 -30.84 30.92
N GLN A 304 -0.32 -30.48 31.39
CA GLN A 304 -0.81 -29.14 31.15
C GLN A 304 0.08 -28.09 31.80
N CYS A 305 0.49 -28.32 33.06
CA CYS A 305 1.37 -27.35 33.71
C CYS A 305 2.74 -27.34 33.05
N GLN A 306 3.22 -28.50 32.60
CA GLN A 306 4.51 -28.55 31.93
C GLN A 306 4.51 -27.75 30.65
N PHE A 307 3.38 -27.72 29.93
CA PHE A 307 3.30 -26.85 28.76
C PHE A 307 3.15 -25.39 29.14
N GLU A 308 2.31 -25.08 30.13
CA GLU A 308 2.01 -23.69 30.44
C GLU A 308 3.05 -23.00 31.31
N ASP A 309 4.12 -23.68 31.70
CA ASP A 309 5.13 -23.06 32.55
C ASP A 309 6.40 -22.67 31.82
N LEU A 310 6.39 -22.60 30.49
CA LEU A 310 7.57 -22.12 29.77
C LEU A 310 7.52 -20.65 29.40
N ASN A 311 6.35 -20.02 29.51
CA ASN A 311 6.22 -18.59 29.23
C ASN A 311 7.17 -17.79 30.11
N LYS A 312 7.83 -16.80 29.52
CA LYS A 312 8.80 -15.98 30.23
C LYS A 312 8.29 -14.60 30.61
N ARG A 313 7.13 -14.19 30.09
CA ARG A 313 6.52 -12.90 30.41
C ARG A 313 5.01 -13.11 30.48
N LYS A 314 4.50 -13.27 31.70
CA LYS A 314 3.06 -13.40 31.91
C LYS A 314 2.37 -12.06 32.08
N ASP A 315 3.12 -10.96 32.00
CA ASP A 315 2.53 -9.63 32.05
C ASP A 315 1.94 -9.20 30.71
N THR A 316 2.36 -9.82 29.61
CA THR A 316 1.85 -9.48 28.28
C THR A 316 1.07 -10.61 27.64
N LYS A 317 1.67 -11.79 27.51
CA LYS A 317 1.03 -12.89 26.79
C LYS A 317 0.06 -13.65 27.69
N GLU A 318 -0.49 -14.72 27.14
CA GLU A 318 -1.30 -15.66 27.90
C GLU A 318 -1.40 -16.95 27.09
N ILE A 319 -1.62 -18.05 27.80
CA ILE A 319 -1.59 -19.38 27.20
C ILE A 319 -2.85 -20.12 27.61
N TYR A 320 -3.73 -20.38 26.66
CA TYR A 320 -4.95 -21.13 26.92
C TYR A 320 -4.68 -22.63 26.83
N THR A 321 -5.68 -23.41 27.23
CA THR A 321 -5.63 -24.86 27.05
C THR A 321 -7.04 -25.41 27.06
N HIS A 322 -7.29 -26.41 26.23
CA HIS A 322 -8.58 -27.08 26.18
C HIS A 322 -8.36 -28.50 25.70
N PHE A 323 -9.15 -29.43 26.25
CA PHE A 323 -8.98 -30.86 26.00
C PHE A 323 -10.00 -31.31 24.97
N THR A 324 -9.51 -31.79 23.83
CA THR A 324 -10.35 -32.14 22.70
C THR A 324 -11.11 -33.44 22.97
N CYS A 325 -12.26 -33.56 22.30
CA CYS A 325 -12.98 -34.83 22.28
C CYS A 325 -13.72 -34.95 20.96
N SER A 326 -13.97 -36.20 20.55
CA SER A 326 -14.51 -36.46 19.21
C SER A 326 -15.87 -35.80 18.99
N THR A 327 -16.63 -35.55 20.05
CA THR A 327 -17.92 -34.88 19.94
C THR A 327 -17.85 -33.41 20.32
N ASP A 328 -16.63 -32.86 20.47
CA ASP A 328 -16.46 -31.49 20.95
C ASP A 328 -16.85 -30.52 19.85
N THR A 329 -18.16 -30.31 19.70
CA THR A 329 -18.66 -29.26 18.83
C THR A 329 -18.24 -27.88 19.31
N LYS A 330 -17.80 -27.78 20.57
CA LYS A 330 -17.25 -26.56 21.12
C LYS A 330 -15.77 -26.41 20.82
N ASN A 331 -15.27 -27.08 19.79
CA ASN A 331 -13.84 -27.03 19.47
C ASN A 331 -13.40 -25.64 19.04
N VAL A 332 -14.28 -24.90 18.36
CA VAL A 332 -13.96 -23.54 17.92
C VAL A 332 -14.53 -22.47 18.86
N GLN A 333 -15.44 -22.84 19.76
CA GLN A 333 -15.94 -21.89 20.74
C GLN A 333 -14.83 -21.41 21.65
N PHE A 334 -13.89 -22.30 21.98
CA PHE A 334 -12.73 -21.91 22.77
C PHE A 334 -11.91 -20.84 22.06
N VAL A 335 -11.66 -21.02 20.76
CA VAL A 335 -10.90 -20.03 19.99
C VAL A 335 -11.66 -18.72 19.94
N PHE A 336 -12.97 -18.79 19.73
CA PHE A 336 -13.81 -17.60 19.69
C PHE A 336 -13.69 -16.80 20.98
N ASP A 337 -13.78 -17.49 22.12
CA ASP A 337 -13.68 -16.82 23.41
C ASP A 337 -12.30 -16.22 23.61
N ALA A 338 -11.25 -16.95 23.23
CA ALA A 338 -9.90 -16.43 23.39
C ALA A 338 -9.71 -15.16 22.58
N VAL A 339 -10.23 -15.14 21.35
CA VAL A 339 -10.07 -13.96 20.51
C VAL A 339 -10.87 -12.77 21.07
N THR A 340 -12.09 -13.02 21.55
CA THR A 340 -12.85 -11.96 22.20
C THR A 340 -12.04 -11.35 23.34
N ASP A 341 -11.47 -12.20 24.18
CA ASP A 341 -10.72 -11.69 25.33
C ASP A 341 -9.48 -10.94 24.91
N VAL A 342 -8.80 -11.40 23.85
CA VAL A 342 -7.63 -10.69 23.35
C VAL A 342 -8.01 -9.29 22.89
N ILE A 343 -9.11 -9.17 22.14
CA ILE A 343 -9.53 -7.88 21.63
C ILE A 343 -9.90 -6.93 22.77
N ILE A 344 -10.57 -7.46 23.80
CA ILE A 344 -10.91 -6.60 24.94
C ILE A 344 -9.64 -6.18 25.66
N LYS A 345 -8.66 -7.06 25.76
CA LYS A 345 -7.40 -6.69 26.39
C LYS A 345 -6.72 -5.55 25.64
N ASN A 346 -6.82 -5.57 24.31
CA ASN A 346 -6.22 -4.50 23.53
C ASN A 346 -6.98 -3.19 23.70
N ASN A 347 -8.31 -3.23 23.57
CA ASN A 347 -9.13 -2.03 23.68
C ASN A 347 -9.16 -1.47 25.09
N LEU A 348 -8.83 -2.27 26.10
CA LEU A 348 -8.84 -1.85 27.50
C LEU A 348 -7.44 -1.53 27.98
N LYS A 349 -6.50 -1.41 27.05
CA LYS A 349 -5.14 -1.03 27.38
C LYS A 349 -4.76 0.19 26.55
N ASP A 350 -5.27 0.27 25.32
CA ASP A 350 -4.98 1.45 24.51
C ASP A 350 -5.75 2.68 25.00
N CYS A 351 -6.68 2.52 25.94
CA CYS A 351 -7.38 3.65 26.53
C CYS A 351 -7.06 3.77 28.01
N GLY A 352 -5.80 3.57 28.36
CA GLY A 352 -5.41 3.62 29.76
C GLY A 352 -5.98 2.44 30.53
N LEU A 353 -6.68 2.76 31.63
CA LEU A 353 -7.31 1.76 32.49
C LEU A 353 -6.35 0.63 32.88
N SER B 7 38.60 -47.65 -3.45
CA SER B 7 39.03 -47.64 -4.85
C SER B 7 38.60 -46.36 -5.55
N GLU B 8 37.43 -46.41 -6.20
CA GLU B 8 36.92 -45.24 -6.90
C GLU B 8 36.59 -44.12 -5.93
N LEU B 9 36.00 -44.45 -4.78
CA LEU B 9 35.60 -43.43 -3.82
C LEU B 9 36.82 -42.69 -3.25
N ASP B 10 37.87 -43.44 -2.91
CA ASP B 10 39.08 -42.80 -2.38
C ASP B 10 39.73 -41.89 -3.40
N GLN B 11 39.81 -42.35 -4.66
CA GLN B 11 40.39 -41.53 -5.71
C GLN B 11 39.56 -40.28 -5.93
N LEU B 12 38.23 -40.40 -5.92
CA LEU B 12 37.37 -39.23 -6.08
C LEU B 12 37.57 -38.25 -4.93
N ARG B 13 37.65 -38.75 -3.69
CA ARG B 13 37.87 -37.87 -2.55
C ARG B 13 39.21 -37.15 -2.66
N GLN B 14 40.26 -37.87 -3.04
CA GLN B 14 41.57 -37.24 -3.20
C GLN B 14 41.55 -36.17 -4.29
N GLU B 15 40.90 -36.47 -5.43
CA GLU B 15 40.82 -35.50 -6.52
C GLU B 15 40.03 -34.27 -6.08
N ALA B 16 38.93 -34.48 -5.35
CA ALA B 16 38.14 -33.34 -4.88
C ALA B 16 38.94 -32.48 -3.92
N GLU B 17 39.69 -33.11 -3.01
CA GLU B 17 40.51 -32.34 -2.07
C GLU B 17 41.59 -31.55 -2.81
N GLN B 18 42.24 -32.18 -3.80
CA GLN B 18 43.27 -31.48 -4.56
C GLN B 18 42.68 -30.31 -5.34
N LEU B 19 41.53 -30.51 -5.97
CA LEU B 19 40.89 -29.43 -6.71
C LEU B 19 40.46 -28.29 -5.79
N LYS B 20 39.95 -28.62 -4.60
CA LYS B 20 39.58 -27.58 -3.65
C LYS B 20 40.80 -26.79 -3.19
N ASN B 21 41.91 -27.49 -2.94
CA ASN B 21 43.14 -26.80 -2.57
C ASN B 21 43.62 -25.88 -3.69
N GLN B 22 43.56 -26.36 -4.94
CA GLN B 22 43.97 -25.52 -6.07
C GLN B 22 43.07 -24.30 -6.20
N ILE B 23 41.76 -24.48 -6.03
CA ILE B 23 40.83 -23.36 -6.13
C ILE B 23 41.10 -22.34 -5.03
N ARG B 24 41.34 -22.82 -3.80
CA ARG B 24 41.65 -21.91 -2.70
C ARG B 24 42.95 -21.15 -2.97
N ASP B 25 43.96 -21.85 -3.51
CA ASP B 25 45.22 -21.19 -3.84
C ASP B 25 45.03 -20.12 -4.90
N ALA B 26 44.23 -20.42 -5.94
CA ALA B 26 43.97 -19.44 -6.97
C ALA B 26 43.22 -18.24 -6.43
N ARG B 27 42.23 -18.47 -5.56
CA ARG B 27 41.49 -17.36 -4.97
C ARG B 27 42.39 -16.49 -4.10
N LYS B 28 43.29 -17.12 -3.34
CA LYS B 28 44.22 -16.36 -2.53
C LYS B 28 45.19 -15.55 -3.38
N ALA B 29 45.67 -16.14 -4.48
CA ALA B 29 46.67 -15.47 -5.31
C ALA B 29 46.07 -14.33 -6.13
N CYS B 30 44.81 -14.48 -6.54
CA CYS B 30 44.22 -13.48 -7.45
C CYS B 30 44.04 -12.13 -6.76
N ALA B 31 43.82 -12.12 -5.44
CA ALA B 31 43.56 -10.88 -4.71
C ALA B 31 44.88 -10.22 -4.32
N ASP B 32 45.47 -9.52 -5.30
CA ASP B 32 46.72 -8.80 -5.02
C ASP B 32 46.46 -7.51 -4.25
N ALA B 33 45.36 -6.82 -4.56
CA ALA B 33 45.04 -5.57 -3.89
C ALA B 33 43.54 -5.34 -3.98
N THR B 34 43.04 -4.45 -3.14
CA THR B 34 41.62 -4.13 -3.12
C THR B 34 41.34 -2.84 -3.90
N LEU B 35 40.06 -2.59 -4.15
CA LEU B 35 39.66 -1.40 -4.89
C LEU B 35 40.03 -0.13 -4.13
N SER B 36 39.83 -0.12 -2.81
CA SER B 36 40.09 1.08 -2.02
C SER B 36 41.55 1.50 -2.05
N GLN B 37 42.47 0.59 -2.36
CA GLN B 37 43.88 0.92 -2.43
C GLN B 37 44.31 1.50 -3.78
N ILE B 38 43.45 1.41 -4.79
CA ILE B 38 43.82 1.83 -6.14
C ILE B 38 43.21 3.19 -6.49
N THR B 39 42.00 3.46 -6.02
CA THR B 39 41.27 4.67 -6.38
C THR B 39 41.34 5.74 -5.30
N ASN B 40 42.48 5.85 -4.61
CA ASN B 40 42.68 6.91 -3.63
C ASN B 40 42.85 8.28 -4.27
N ASN B 41 43.02 8.35 -5.59
CA ASN B 41 43.19 9.61 -6.30
C ASN B 41 41.91 10.11 -6.94
N ILE B 42 40.77 9.49 -6.64
CA ILE B 42 39.49 9.87 -7.21
C ILE B 42 38.77 10.80 -6.26
N ASP B 43 38.34 11.95 -6.77
CA ASP B 43 37.76 12.98 -5.93
C ASP B 43 36.38 12.55 -5.41
N PRO B 44 36.10 12.79 -4.14
CA PRO B 44 34.80 12.38 -3.59
C PRO B 44 33.64 13.09 -4.25
N VAL B 45 32.49 12.41 -4.27
CA VAL B 45 31.28 13.03 -4.79
C VAL B 45 30.71 14.10 -3.87
N GLY B 46 31.26 14.24 -2.66
CA GLY B 46 30.71 15.19 -1.72
C GLY B 46 29.38 14.73 -1.17
N ARG B 47 28.62 15.70 -0.68
CA ARG B 47 27.29 15.42 -0.15
C ARG B 47 26.28 15.42 -1.30
N ILE B 48 25.26 14.58 -1.19
CA ILE B 48 24.21 14.49 -2.19
C ILE B 48 22.90 14.75 -1.45
N GLN B 49 22.49 16.01 -1.41
CA GLN B 49 21.30 16.42 -0.66
C GLN B 49 20.07 16.16 -1.52
N MET B 50 19.81 14.90 -1.74
CA MET B 50 18.63 14.52 -2.49
C MET B 50 17.39 14.76 -1.66
N ARG B 51 16.28 15.03 -2.34
CA ARG B 51 15.06 15.42 -1.67
C ARG B 51 13.85 14.89 -2.43
N THR B 52 12.74 14.83 -1.72
CA THR B 52 11.54 14.21 -2.27
C THR B 52 10.93 15.07 -3.36
N ARG B 53 10.44 14.44 -4.43
CA ARG B 53 9.66 15.16 -5.43
C ARG B 53 8.21 14.74 -5.49
N ARG B 54 7.93 13.45 -5.35
CA ARG B 54 6.57 12.96 -5.31
C ARG B 54 6.43 12.01 -4.13
N THR B 55 5.20 11.56 -3.90
CA THR B 55 4.92 10.61 -2.83
C THR B 55 3.67 9.86 -3.19
N LEU B 56 3.82 8.58 -3.53
CA LEU B 56 2.71 7.77 -3.98
C LEU B 56 2.00 7.17 -2.78
N ARG B 57 0.67 7.25 -2.80
CA ARG B 57 -0.16 6.80 -1.70
C ARG B 57 -1.21 5.84 -2.22
N GLY B 58 -1.80 5.07 -1.32
CA GLY B 58 -2.86 4.16 -1.70
C GLY B 58 -2.61 2.73 -1.28
N HIS B 59 -1.38 2.42 -0.89
CA HIS B 59 -1.07 1.13 -0.32
C HIS B 59 -1.38 1.12 1.18
N LEU B 60 -1.72 -0.05 1.70
CA LEU B 60 -2.10 -0.21 3.09
C LEU B 60 -1.24 -1.10 3.98
N ALA B 61 -0.79 -2.23 3.46
CA ALA B 61 0.21 -3.06 4.12
C ALA B 61 1.55 -2.84 3.44
N LYS B 62 2.57 -3.58 3.86
CA LYS B 62 3.94 -3.31 3.47
C LYS B 62 4.14 -3.49 1.97
N ILE B 63 5.25 -2.92 1.47
CA ILE B 63 5.65 -3.06 0.08
C ILE B 63 6.75 -4.10 0.00
N TYR B 64 6.56 -5.10 -0.87
CA TYR B 64 7.60 -6.12 -1.03
C TYR B 64 8.48 -5.91 -2.24
N ALA B 65 7.95 -5.43 -3.37
CA ALA B 65 8.73 -5.36 -4.59
C ALA B 65 8.28 -4.21 -5.47
N MET B 66 9.26 -3.62 -6.18
CA MET B 66 9.03 -2.61 -7.20
C MET B 66 10.04 -2.82 -8.34
N HIS B 67 9.61 -2.52 -9.56
CA HIS B 67 10.47 -2.65 -10.73
C HIS B 67 10.16 -1.53 -11.71
N TRP B 68 11.19 -1.01 -12.37
CA TRP B 68 11.01 0.04 -13.37
C TRP B 68 10.61 -0.53 -14.72
N GLY B 69 10.29 0.38 -15.64
CA GLY B 69 10.09 0.05 -17.03
C GLY B 69 11.24 0.51 -17.90
N THR B 70 11.16 0.16 -19.18
CA THR B 70 12.22 0.49 -20.12
C THR B 70 12.16 1.94 -20.57
N ASP B 71 11.01 2.59 -20.45
CA ASP B 71 10.83 3.97 -20.91
C ASP B 71 11.03 5.00 -19.80
N SER B 72 11.46 4.57 -18.61
CA SER B 72 11.81 5.47 -17.52
C SER B 72 10.62 6.28 -17.04
N ARG B 73 9.43 5.76 -17.23
CA ARG B 73 8.28 6.55 -16.80
C ARG B 73 7.31 5.79 -15.91
N LEU B 74 7.09 4.53 -16.17
CA LEU B 74 6.08 3.79 -15.42
C LEU B 74 6.74 2.90 -14.35
N LEU B 75 5.95 2.57 -13.32
CA LEU B 75 6.41 1.72 -12.23
C LEU B 75 5.43 0.57 -12.05
N VAL B 76 5.82 -0.39 -11.20
CA VAL B 76 4.97 -1.46 -10.72
C VAL B 76 5.39 -1.78 -9.29
N SER B 77 4.41 -2.08 -8.43
CA SER B 77 4.70 -2.40 -7.04
C SER B 77 3.67 -3.38 -6.49
N ALA B 78 4.11 -4.23 -5.55
CA ALA B 78 3.28 -5.30 -5.01
C ALA B 78 3.26 -5.26 -3.48
N SER B 79 2.10 -5.52 -2.90
CA SER B 79 1.93 -5.41 -1.46
C SER B 79 1.12 -6.60 -0.92
N GLN B 80 1.05 -6.66 0.41
CA GLN B 80 0.37 -7.78 1.08
C GLN B 80 -1.10 -7.83 0.74
N ASP B 81 -1.75 -6.67 0.65
CA ASP B 81 -3.21 -6.60 0.52
C ASP B 81 -3.71 -7.46 -0.63
N GLY B 82 -2.86 -7.78 -1.57
CA GLY B 82 -3.23 -8.52 -2.75
C GLY B 82 -3.19 -7.70 -4.01
N LYS B 83 -2.37 -6.66 -4.06
CA LYS B 83 -2.41 -5.69 -5.14
C LYS B 83 -1.05 -5.53 -5.80
N LEU B 84 -1.09 -5.44 -7.12
CA LEU B 84 0.05 -5.17 -8.00
C LEU B 84 -0.34 -3.97 -8.85
N ILE B 85 0.31 -2.83 -8.64
CA ILE B 85 -0.16 -1.56 -9.18
C ILE B 85 0.88 -0.90 -10.07
N ILE B 86 0.43 -0.45 -11.25
CA ILE B 86 1.27 0.20 -12.25
C ILE B 86 0.97 1.70 -12.22
N TRP B 87 1.99 2.49 -11.91
CA TRP B 87 1.91 3.92 -11.68
C TRP B 87 2.57 4.71 -12.80
N ASP B 88 2.10 5.95 -12.96
CA ASP B 88 2.72 6.96 -13.83
C ASP B 88 3.45 7.95 -12.94
N SER B 89 4.79 7.96 -13.01
CA SER B 89 5.57 8.74 -12.06
C SER B 89 5.42 10.24 -12.26
N TYR B 90 5.34 10.70 -13.52
CA TYR B 90 5.36 12.14 -13.78
C TYR B 90 4.16 12.84 -13.14
N THR B 91 2.97 12.30 -13.35
CA THR B 91 1.75 12.92 -12.81
C THR B 91 1.17 12.15 -11.63
N THR B 92 1.93 11.20 -11.07
CA THR B 92 1.55 10.49 -9.85
C THR B 92 0.15 9.90 -9.99
N ASN B 93 -0.06 9.18 -11.09
CA ASN B 93 -1.35 8.64 -11.44
C ASN B 93 -1.33 7.12 -11.49
N LYS B 94 -2.51 6.54 -11.33
CA LYS B 94 -2.71 5.15 -11.71
C LYS B 94 -2.63 4.96 -13.21
N VAL B 95 -2.00 3.87 -13.63
CA VAL B 95 -2.15 3.36 -14.97
C VAL B 95 -2.94 2.05 -14.96
N HIS B 96 -2.54 1.12 -14.08
CA HIS B 96 -3.26 -0.15 -13.94
C HIS B 96 -3.28 -0.57 -12.46
N ALA B 97 -4.34 -1.31 -12.11
CA ALA B 97 -4.42 -2.03 -10.83
C ALA B 97 -4.68 -3.50 -11.13
N ILE B 98 -4.00 -4.39 -10.42
CA ILE B 98 -4.06 -5.82 -10.68
C ILE B 98 -4.36 -6.55 -9.38
N PRO B 99 -5.49 -7.26 -9.27
CA PRO B 99 -5.70 -8.13 -8.13
C PRO B 99 -4.93 -9.43 -8.27
N LEU B 100 -4.79 -10.13 -7.15
CA LEU B 100 -4.04 -11.37 -7.09
C LEU B 100 -4.86 -12.45 -6.40
N ARG B 101 -4.33 -13.67 -6.41
CA ARG B 101 -4.91 -14.78 -5.66
C ARG B 101 -4.07 -15.19 -4.46
N SER B 102 -2.75 -15.07 -4.55
CA SER B 102 -1.85 -15.35 -3.44
C SER B 102 -1.30 -14.03 -2.92
N SER B 103 -1.53 -13.75 -1.64
CA SER B 103 -1.18 -12.46 -1.06
C SER B 103 0.29 -12.37 -0.64
N TRP B 104 1.01 -13.48 -0.62
CA TRP B 104 2.35 -13.53 -0.02
C TRP B 104 3.43 -13.38 -1.08
N VAL B 105 3.39 -12.27 -1.78
CA VAL B 105 4.29 -12.01 -2.89
C VAL B 105 5.61 -11.50 -2.36
N MET B 106 6.68 -11.74 -3.12
CA MET B 106 8.01 -11.29 -2.72
C MET B 106 8.83 -10.68 -3.84
N THR B 107 8.37 -10.73 -5.09
CA THR B 107 9.13 -10.22 -6.22
C THR B 107 8.21 -9.72 -7.31
N CYS B 108 8.76 -8.90 -8.21
CA CYS B 108 8.04 -8.36 -9.35
C CYS B 108 8.92 -8.38 -10.59
N ALA B 109 8.27 -8.49 -11.75
CA ALA B 109 8.95 -8.45 -13.03
C ALA B 109 8.11 -7.65 -14.01
N TYR B 110 8.79 -7.02 -14.97
CA TYR B 110 8.14 -6.09 -15.89
C TYR B 110 8.92 -6.17 -17.20
N ALA B 111 8.27 -6.70 -18.24
CA ALA B 111 8.99 -7.09 -19.45
C ALA B 111 9.59 -5.87 -20.16
N PRO B 112 10.76 -6.02 -20.77
CA PRO B 112 11.39 -4.85 -21.42
C PRO B 112 10.67 -4.37 -22.66
N SER B 113 9.57 -5.00 -23.05
CA SER B 113 8.75 -4.53 -24.15
C SER B 113 7.44 -3.94 -23.70
N GLY B 114 7.21 -3.81 -22.40
CA GLY B 114 6.00 -3.18 -21.93
C GLY B 114 4.75 -3.98 -22.15
N ASN B 115 4.87 -5.29 -22.32
CA ASN B 115 3.74 -6.16 -22.60
C ASN B 115 3.33 -7.03 -21.42
N TYR B 116 4.28 -7.60 -20.68
CA TYR B 116 4.01 -8.57 -19.63
C TYR B 116 4.64 -8.16 -18.31
N VAL B 117 3.95 -8.51 -17.23
CA VAL B 117 4.49 -8.45 -15.88
C VAL B 117 4.44 -9.86 -15.29
N ALA B 118 5.08 -10.03 -14.13
CA ALA B 118 5.10 -11.31 -13.45
C ALA B 118 4.97 -11.11 -11.95
N CYS B 119 4.40 -12.09 -11.28
CA CYS B 119 4.29 -12.09 -9.83
C CYS B 119 4.66 -13.46 -9.28
N GLY B 120 5.23 -13.46 -8.08
CA GLY B 120 5.68 -14.69 -7.45
C GLY B 120 5.93 -14.48 -5.97
N GLY B 121 6.04 -15.61 -5.25
CA GLY B 121 6.15 -15.53 -3.81
C GLY B 121 6.04 -16.85 -3.07
N LEU B 122 5.14 -16.91 -2.09
CA LEU B 122 5.01 -18.02 -1.15
C LEU B 122 3.95 -19.03 -1.55
N ASP B 123 3.77 -19.30 -2.84
CA ASP B 123 2.85 -20.33 -3.27
C ASP B 123 3.46 -21.26 -4.32
N ASN B 124 4.72 -21.07 -4.68
CA ASN B 124 5.54 -21.90 -5.56
C ASN B 124 5.25 -21.68 -7.05
N ILE B 125 4.32 -20.80 -7.42
CA ILE B 125 3.90 -20.63 -8.80
C ILE B 125 4.27 -19.22 -9.25
N CYS B 126 4.79 -19.10 -10.48
CA CYS B 126 5.13 -17.80 -11.07
C CYS B 126 4.06 -17.46 -12.10
N SER B 127 3.28 -16.42 -11.85
CA SER B 127 2.17 -16.05 -12.72
C SER B 127 2.58 -14.91 -13.63
N ILE B 128 2.15 -14.97 -14.90
CA ILE B 128 2.56 -14.00 -15.91
C ILE B 128 1.31 -13.33 -16.48
N TYR B 129 1.33 -11.99 -16.52
CA TYR B 129 0.20 -11.15 -16.86
C TYR B 129 0.49 -10.37 -18.13
N ASN B 130 -0.53 -10.22 -18.98
CA ASN B 130 -0.42 -9.55 -20.27
C ASN B 130 -1.07 -8.17 -20.19
N LEU B 131 -0.33 -7.14 -20.57
CA LEU B 131 -0.81 -5.76 -20.48
C LEU B 131 -1.55 -5.32 -21.74
N LYS B 132 -0.87 -5.33 -22.89
CA LYS B 132 -1.39 -4.74 -24.12
C LYS B 132 -2.44 -5.69 -24.73
N THR B 133 -3.56 -5.79 -24.05
CA THR B 133 -4.66 -6.61 -24.51
C THR B 133 -5.51 -5.82 -25.49
N ARG B 134 -6.61 -6.43 -25.93
CA ARG B 134 -7.59 -5.77 -26.78
C ARG B 134 -8.91 -5.49 -26.07
N GLU B 135 -9.40 -6.44 -25.28
CA GLU B 135 -10.71 -6.32 -24.64
C GLU B 135 -10.67 -5.50 -23.36
N GLY B 136 -9.51 -5.01 -22.95
CA GLY B 136 -9.44 -4.01 -21.90
C GLY B 136 -9.29 -4.41 -20.45
N ASN B 137 -8.43 -5.40 -20.18
CA ASN B 137 -8.14 -5.82 -18.81
C ASN B 137 -6.84 -6.63 -18.83
N VAL B 138 -5.99 -6.38 -17.84
CA VAL B 138 -4.74 -7.11 -17.72
C VAL B 138 -5.07 -8.51 -17.20
N ARG B 139 -5.12 -9.49 -18.09
CA ARG B 139 -5.58 -10.83 -17.78
C ARG B 139 -4.41 -11.77 -17.53
N VAL B 140 -4.77 -13.00 -17.15
CA VAL B 140 -3.81 -14.04 -16.80
C VAL B 140 -3.62 -14.98 -17.97
N SER B 141 -2.38 -15.32 -18.26
CA SER B 141 -2.05 -16.18 -19.40
C SER B 141 -1.40 -17.48 -18.99
N ARG B 142 -0.34 -17.42 -18.17
CA ARG B 142 0.45 -18.59 -17.81
C ARG B 142 0.74 -18.63 -16.32
N GLU B 143 0.70 -19.82 -15.75
CA GLU B 143 0.98 -20.09 -14.34
C GLU B 143 2.07 -21.15 -14.29
N LEU B 144 3.33 -20.72 -14.33
CA LEU B 144 4.43 -21.65 -14.36
C LEU B 144 4.59 -22.33 -13.00
N ALA B 145 4.61 -23.67 -13.02
CA ALA B 145 4.70 -24.51 -11.84
C ALA B 145 5.91 -25.43 -12.01
N GLY B 146 6.31 -26.06 -10.91
CA GLY B 146 7.44 -26.99 -10.98
C GLY B 146 8.44 -26.79 -9.83
N HIS B 147 8.19 -25.85 -8.97
CA HIS B 147 9.01 -25.63 -7.81
C HIS B 147 8.32 -26.15 -6.54
N THR B 148 9.11 -26.41 -5.50
CA THR B 148 8.62 -26.95 -4.24
C THR B 148 8.79 -26.01 -3.06
N GLY B 149 9.33 -24.81 -3.27
CA GLY B 149 9.49 -23.85 -2.19
C GLY B 149 9.13 -22.45 -2.66
N TYR B 150 8.98 -21.56 -1.69
CA TYR B 150 8.61 -20.18 -1.95
C TYR B 150 9.52 -19.55 -2.99
N LEU B 151 8.92 -18.80 -3.92
CA LEU B 151 9.66 -18.11 -4.97
C LEU B 151 10.26 -16.83 -4.44
N SER B 152 11.56 -16.63 -4.69
CA SER B 152 12.24 -15.43 -4.22
C SER B 152 12.23 -14.31 -5.24
N CYS B 153 12.75 -14.55 -6.45
CA CYS B 153 12.80 -13.51 -7.47
C CYS B 153 12.70 -14.12 -8.86
N CYS B 154 12.12 -13.35 -9.78
CA CYS B 154 11.97 -13.77 -11.17
C CYS B 154 12.24 -12.59 -12.09
N ARG B 155 12.87 -12.86 -13.24
CA ARG B 155 13.20 -11.83 -14.22
C ARG B 155 12.91 -12.34 -15.63
N PHE B 156 12.61 -11.40 -16.53
CA PHE B 156 12.31 -11.73 -17.93
C PHE B 156 13.58 -11.67 -18.77
N LEU B 157 13.67 -12.58 -19.75
CA LEU B 157 14.73 -12.57 -20.75
C LEU B 157 14.28 -11.93 -22.05
N ASP B 158 13.18 -12.43 -22.60
CA ASP B 158 12.42 -11.77 -23.65
C ASP B 158 10.96 -12.18 -23.44
N ASP B 159 10.14 -12.03 -24.48
CA ASP B 159 8.72 -12.31 -24.34
C ASP B 159 8.42 -13.79 -24.11
N ASN B 160 9.40 -14.68 -24.30
CA ASN B 160 9.11 -16.11 -24.18
C ASN B 160 10.22 -16.86 -23.43
N GLN B 161 10.89 -16.21 -22.48
CA GLN B 161 11.93 -16.86 -21.68
C GLN B 161 11.98 -16.19 -20.31
N ILE B 162 11.99 -17.00 -19.23
CA ILE B 162 11.96 -16.47 -17.88
C ILE B 162 12.86 -17.27 -16.96
N VAL B 163 13.39 -16.61 -15.93
CA VAL B 163 14.29 -17.21 -14.95
C VAL B 163 13.64 -17.09 -13.57
N THR B 164 13.58 -18.19 -12.83
CA THR B 164 13.00 -18.21 -11.49
C THR B 164 13.94 -18.89 -10.51
N SER B 165 13.80 -18.53 -9.24
CA SER B 165 14.56 -19.16 -8.16
C SER B 165 13.68 -19.22 -6.91
N SER B 166 13.90 -20.26 -6.11
CA SER B 166 13.08 -20.51 -4.94
C SER B 166 13.94 -20.83 -3.73
N GLY B 167 13.32 -21.46 -2.73
CA GLY B 167 14.02 -21.90 -1.53
C GLY B 167 14.29 -23.39 -1.43
N ASP B 168 14.56 -24.02 -2.57
CA ASP B 168 14.84 -25.45 -2.64
C ASP B 168 16.26 -25.75 -3.08
N THR B 169 17.12 -24.73 -3.15
CA THR B 169 18.48 -24.78 -3.67
C THR B 169 18.53 -24.90 -5.19
N THR B 170 17.45 -24.52 -5.88
CA THR B 170 17.32 -24.75 -7.31
C THR B 170 17.04 -23.43 -8.05
N CYS B 171 17.30 -23.46 -9.37
CA CYS B 171 16.96 -22.37 -10.27
C CYS B 171 16.38 -22.96 -11.55
N ALA B 172 15.54 -22.18 -12.23
CA ALA B 172 14.82 -22.70 -13.39
C ALA B 172 14.84 -21.70 -14.52
N LEU B 173 15.16 -22.19 -15.73
CA LEU B 173 14.92 -21.47 -16.97
C LEU B 173 13.72 -22.09 -17.67
N TRP B 174 12.74 -21.26 -18.00
CA TRP B 174 11.40 -21.66 -18.37
C TRP B 174 10.95 -20.95 -19.65
N ASP B 175 10.08 -21.62 -20.39
CA ASP B 175 9.50 -21.11 -21.63
C ASP B 175 8.00 -20.95 -21.45
N ILE B 176 7.49 -19.75 -21.73
CA ILE B 176 6.09 -19.43 -21.46
C ILE B 176 5.17 -20.19 -22.42
N GLU B 177 5.59 -20.33 -23.68
CA GLU B 177 4.68 -20.83 -24.71
C GLU B 177 4.25 -22.26 -24.44
N THR B 178 5.19 -23.12 -24.06
CA THR B 178 4.87 -24.53 -23.86
C THR B 178 4.38 -24.81 -22.45
N GLY B 179 4.99 -24.17 -21.45
CA GLY B 179 4.71 -24.42 -20.06
C GLY B 179 5.65 -25.39 -19.38
N GLN B 180 6.60 -25.96 -20.12
CA GLN B 180 7.49 -26.99 -19.63
C GLN B 180 8.86 -26.40 -19.35
N GLN B 181 9.41 -26.78 -18.20
CA GLN B 181 10.73 -26.28 -17.81
C GLN B 181 11.77 -26.76 -18.79
N THR B 182 12.74 -25.90 -19.08
CA THR B 182 13.77 -26.22 -20.04
C THR B 182 15.13 -26.47 -19.39
N THR B 183 15.44 -25.83 -18.28
CA THR B 183 16.72 -26.13 -17.65
C THR B 183 16.64 -25.95 -16.14
N THR B 184 17.16 -26.94 -15.41
CA THR B 184 17.25 -26.91 -13.96
C THR B 184 18.70 -26.70 -13.54
N PHE B 185 18.90 -25.80 -12.59
CA PHE B 185 20.21 -25.48 -12.04
C PHE B 185 20.24 -25.93 -10.58
N THR B 186 21.16 -26.83 -10.24
CA THR B 186 21.29 -27.38 -8.91
C THR B 186 22.74 -27.32 -8.46
N GLY B 187 22.93 -27.28 -7.14
CA GLY B 187 24.26 -27.15 -6.59
C GLY B 187 24.31 -26.29 -5.34
N HIS B 188 23.17 -25.73 -4.94
CA HIS B 188 23.11 -24.93 -3.73
C HIS B 188 22.87 -25.83 -2.51
N THR B 189 23.33 -25.37 -1.35
CA THR B 189 23.09 -26.06 -0.09
C THR B 189 21.88 -25.47 0.64
N GLY B 190 21.85 -24.15 0.77
CA GLY B 190 20.77 -23.47 1.46
C GLY B 190 19.77 -22.82 0.51
N ASP B 191 18.79 -22.16 1.11
CA ASP B 191 17.70 -21.56 0.35
C ASP B 191 18.15 -20.35 -0.47
N VAL B 192 17.70 -20.31 -1.73
CA VAL B 192 18.11 -19.27 -2.67
C VAL B 192 17.19 -18.08 -2.52
N MET B 193 17.77 -16.89 -2.46
CA MET B 193 17.03 -15.68 -2.13
C MET B 193 16.88 -14.68 -3.27
N SER B 194 17.71 -14.76 -4.31
CA SER B 194 17.64 -13.74 -5.35
C SER B 194 18.53 -14.13 -6.52
N LEU B 195 18.25 -13.54 -7.68
CA LEU B 195 19.14 -13.65 -8.84
C LEU B 195 18.98 -12.40 -9.70
N SER B 196 20.08 -11.99 -10.32
CA SER B 196 20.09 -10.89 -11.26
C SER B 196 20.47 -11.40 -12.63
N LEU B 197 20.05 -10.67 -13.66
CA LEU B 197 20.32 -11.04 -15.03
C LEU B 197 21.62 -10.37 -15.49
N ALA B 198 21.85 -10.37 -16.80
CA ALA B 198 22.95 -9.66 -17.43
C ALA B 198 22.41 -8.99 -18.68
N PRO B 199 23.03 -7.90 -19.13
CA PRO B 199 22.49 -7.22 -20.32
C PRO B 199 22.89 -7.86 -21.64
N ASP B 200 22.97 -9.19 -21.65
CA ASP B 200 23.04 -9.94 -22.89
C ASP B 200 22.23 -11.23 -22.83
N THR B 201 21.54 -11.50 -21.71
CA THR B 201 20.83 -12.75 -21.46
C THR B 201 21.67 -13.97 -21.86
N ARG B 202 22.84 -14.08 -21.23
CA ARG B 202 23.67 -15.28 -21.36
C ARG B 202 24.24 -15.75 -20.03
N LEU B 203 24.20 -14.93 -18.99
CA LEU B 203 24.76 -15.24 -17.68
C LEU B 203 23.77 -14.83 -16.61
N PHE B 204 23.86 -15.46 -15.44
CA PHE B 204 23.13 -14.94 -14.29
C PHE B 204 23.74 -15.46 -13.00
N VAL B 205 23.48 -14.73 -11.91
CA VAL B 205 24.12 -14.96 -10.63
C VAL B 205 23.05 -15.03 -9.55
N SER B 206 23.22 -15.92 -8.58
CA SER B 206 22.25 -16.14 -7.51
C SER B 206 22.93 -16.22 -6.17
N GLY B 207 22.20 -15.92 -5.11
CA GLY B 207 22.70 -16.01 -3.75
C GLY B 207 21.79 -16.90 -2.92
N ALA B 208 22.38 -17.65 -2.00
CA ALA B 208 21.63 -18.62 -1.22
C ALA B 208 21.83 -18.39 0.27
N CYS B 209 20.89 -18.93 1.06
CA CYS B 209 20.91 -18.78 2.50
C CYS B 209 21.95 -19.71 3.09
N ASP B 210 23.15 -19.69 2.52
CA ASP B 210 24.26 -20.50 3.01
C ASP B 210 25.57 -19.75 2.91
N ALA B 211 25.54 -18.42 2.89
CA ALA B 211 26.72 -17.57 2.79
C ALA B 211 27.49 -17.81 1.49
N SER B 212 26.75 -17.99 0.39
CA SER B 212 27.39 -18.22 -0.89
C SER B 212 26.52 -17.69 -2.02
N ALA B 213 27.18 -17.40 -3.15
CA ALA B 213 26.54 -16.92 -4.37
C ALA B 213 27.27 -17.57 -5.54
N LYS B 214 26.51 -18.02 -6.54
CA LYS B 214 27.07 -18.75 -7.66
C LYS B 214 26.71 -18.09 -8.98
N LEU B 215 27.55 -18.34 -9.99
CA LEU B 215 27.41 -17.80 -11.33
C LEU B 215 27.19 -18.92 -12.33
N TRP B 216 26.17 -18.75 -13.17
CA TRP B 216 25.64 -19.79 -14.03
C TRP B 216 25.50 -19.29 -15.46
N ASP B 217 25.77 -20.20 -16.43
CA ASP B 217 25.48 -20.00 -17.84
C ASP B 217 24.03 -20.37 -18.10
N VAL B 218 23.46 -19.78 -19.15
CA VAL B 218 22.01 -19.76 -19.26
C VAL B 218 21.47 -20.80 -20.23
N ARG B 219 22.27 -21.19 -21.22
CA ARG B 219 21.83 -22.18 -22.20
C ARG B 219 22.44 -23.56 -21.99
N GLU B 220 23.63 -23.64 -21.40
CA GLU B 220 24.26 -24.93 -21.17
C GLU B 220 23.56 -25.70 -20.06
N GLY B 221 23.24 -25.02 -18.95
CA GLY B 221 22.61 -25.66 -17.81
C GLY B 221 23.51 -25.87 -16.62
N MET B 222 24.76 -25.45 -16.70
CA MET B 222 25.76 -25.73 -15.68
C MET B 222 26.04 -24.49 -14.83
N CYS B 223 26.73 -24.72 -13.72
CA CYS B 223 27.22 -23.65 -12.87
C CYS B 223 28.71 -23.51 -13.11
N ARG B 224 29.15 -22.31 -13.46
CA ARG B 224 30.56 -22.14 -13.78
C ARG B 224 31.36 -21.53 -12.64
N GLN B 225 30.70 -20.94 -11.64
CA GLN B 225 31.48 -20.33 -10.57
C GLN B 225 30.71 -20.35 -9.26
N THR B 226 31.47 -20.34 -8.15
CA THR B 226 30.96 -20.32 -6.79
C THR B 226 31.71 -19.27 -5.99
N PHE B 227 31.01 -18.64 -5.05
CA PHE B 227 31.41 -17.40 -4.39
C PHE B 227 31.14 -17.47 -2.90
N THR B 228 32.16 -17.24 -2.09
CA THR B 228 32.07 -17.35 -0.64
C THR B 228 32.75 -16.14 0.01
N GLY B 229 32.43 -15.93 1.29
CA GLY B 229 33.05 -14.86 2.05
C GLY B 229 32.17 -14.20 3.10
N HIS B 230 30.88 -14.50 3.11
CA HIS B 230 29.97 -13.87 4.05
C HIS B 230 29.80 -14.73 5.31
N GLU B 231 29.36 -14.07 6.40
CA GLU B 231 29.14 -14.74 7.67
C GLU B 231 27.73 -15.26 7.84
N SER B 232 26.76 -14.72 7.11
CA SER B 232 25.42 -15.29 7.11
C SER B 232 24.79 -15.18 5.73
N ASP B 233 23.49 -15.39 5.66
CA ASP B 233 22.78 -15.52 4.40
C ASP B 233 22.70 -14.19 3.65
N ILE B 234 22.45 -14.31 2.34
CA ILE B 234 22.35 -13.17 1.44
C ILE B 234 20.88 -12.98 1.07
N ASN B 235 20.40 -11.75 1.22
CA ASN B 235 18.99 -11.39 1.02
C ASN B 235 18.72 -10.75 -0.34
N ALA B 236 19.61 -9.88 -0.82
CA ALA B 236 19.39 -9.17 -2.07
C ALA B 236 20.69 -9.10 -2.85
N ILE B 237 20.58 -9.30 -4.16
CA ILE B 237 21.71 -9.22 -5.09
C ILE B 237 21.26 -8.50 -6.36
N CYS B 238 22.13 -7.65 -6.90
CA CYS B 238 21.91 -7.03 -8.21
C CYS B 238 23.22 -7.03 -8.98
N PHE B 239 23.16 -6.49 -10.20
CA PHE B 239 24.18 -6.77 -11.21
C PHE B 239 24.69 -5.46 -11.81
N PHE B 240 26.01 -5.35 -11.93
CA PHE B 240 26.63 -4.16 -12.50
C PHE B 240 26.33 -4.08 -14.01
N PRO B 241 25.98 -2.90 -14.53
CA PRO B 241 25.54 -2.83 -15.94
C PRO B 241 26.57 -3.29 -16.96
N ASN B 242 27.87 -3.11 -16.73
CA ASN B 242 28.83 -3.53 -17.75
C ASN B 242 29.07 -5.03 -17.75
N GLY B 243 28.67 -5.75 -16.71
CA GLY B 243 28.77 -7.19 -16.69
C GLY B 243 30.13 -7.70 -16.27
N ASN B 244 30.87 -6.97 -15.44
CA ASN B 244 32.14 -7.44 -14.89
C ASN B 244 32.22 -7.24 -13.37
N ALA B 245 31.07 -7.23 -12.70
CA ALA B 245 30.99 -7.16 -11.25
C ALA B 245 29.55 -7.35 -10.84
N PHE B 246 29.33 -7.51 -9.53
CA PHE B 246 27.97 -7.55 -8.99
C PHE B 246 28.05 -7.28 -7.50
N ALA B 247 26.90 -7.00 -6.90
CA ALA B 247 26.83 -6.63 -5.49
C ALA B 247 25.74 -7.43 -4.79
N THR B 248 26.03 -7.86 -3.56
CA THR B 248 25.16 -8.69 -2.75
C THR B 248 24.98 -8.06 -1.38
N GLY B 249 23.85 -8.34 -0.75
CA GLY B 249 23.58 -7.81 0.57
C GLY B 249 23.23 -8.88 1.58
N SER B 250 24.08 -9.06 2.59
CA SER B 250 23.90 -10.11 3.57
C SER B 250 22.98 -9.65 4.71
N ASP B 251 22.89 -10.48 5.74
CA ASP B 251 22.11 -10.16 6.93
C ASP B 251 23.00 -9.97 8.16
N ASP B 252 24.31 -9.81 7.96
CA ASP B 252 25.24 -9.53 9.05
C ASP B 252 25.75 -8.09 8.98
N ALA B 253 24.91 -7.16 8.52
CA ALA B 253 25.26 -5.75 8.43
C ALA B 253 26.52 -5.48 7.60
N THR B 254 26.54 -6.03 6.39
CA THR B 254 27.63 -5.77 5.46
C THR B 254 27.17 -6.10 4.04
N CYS B 255 27.38 -5.17 3.12
CA CYS B 255 27.13 -5.37 1.69
C CYS B 255 28.45 -5.58 0.98
N ARG B 256 28.44 -6.40 -0.07
CA ARG B 256 29.68 -6.78 -0.73
C ARG B 256 29.59 -6.59 -2.23
N LEU B 257 30.75 -6.34 -2.83
CA LEU B 257 30.92 -6.18 -4.27
C LEU B 257 31.93 -7.24 -4.68
N PHE B 258 31.49 -8.20 -5.50
CA PHE B 258 32.33 -9.22 -6.12
C PHE B 258 32.52 -8.94 -7.61
N ASP B 259 33.40 -9.73 -8.20
CA ASP B 259 33.68 -9.74 -9.63
C ASP B 259 33.27 -11.08 -10.21
N LEU B 260 32.61 -11.06 -11.38
CA LEU B 260 32.29 -12.31 -12.07
C LEU B 260 33.47 -12.87 -12.85
N ARG B 261 34.67 -12.32 -12.67
CA ARG B 261 35.83 -12.79 -13.40
C ARG B 261 37.06 -12.99 -12.52
N ALA B 262 36.99 -12.64 -11.24
CA ALA B 262 38.13 -12.77 -10.35
C ALA B 262 37.86 -13.67 -9.15
N ASP B 263 36.60 -13.92 -8.81
CA ASP B 263 36.21 -15.00 -7.90
C ASP B 263 36.68 -14.72 -6.47
N GLN B 264 36.60 -13.48 -6.06
CA GLN B 264 37.13 -13.08 -4.76
C GLN B 264 36.32 -11.93 -4.20
N GLU B 265 36.11 -11.92 -2.88
CA GLU B 265 35.63 -10.76 -2.16
C GLU B 265 36.45 -9.52 -2.54
N LEU B 266 35.77 -8.50 -3.02
CA LEU B 266 36.47 -7.31 -3.49
C LEU B 266 36.18 -6.07 -2.66
N MET B 267 34.92 -5.75 -2.35
CA MET B 267 34.65 -4.61 -1.47
C MET B 267 33.53 -4.92 -0.49
N THR B 268 33.57 -4.23 0.65
CA THR B 268 32.63 -4.40 1.75
C THR B 268 32.17 -3.05 2.30
N TYR B 269 30.90 -2.97 2.65
CA TYR B 269 30.27 -1.75 3.17
C TYR B 269 29.58 -2.08 4.48
N SER B 270 29.97 -1.40 5.55
CA SER B 270 29.41 -1.64 6.87
C SER B 270 29.90 -0.53 7.79
N HIS B 271 29.03 -0.11 8.71
CA HIS B 271 29.37 0.90 9.70
C HIS B 271 28.98 0.42 11.09
N ASP B 272 29.74 0.89 12.10
CA ASP B 272 29.54 0.43 13.47
C ASP B 272 28.13 0.74 13.96
N ASN B 273 27.65 1.96 13.73
CA ASN B 273 26.32 2.33 14.18
C ASN B 273 25.23 1.52 13.48
N ILE B 274 25.59 0.77 12.44
CA ILE B 274 24.64 -0.04 11.69
C ILE B 274 24.83 -1.49 12.15
N ILE B 275 23.85 -2.01 12.87
CA ILE B 275 23.89 -3.38 13.38
C ILE B 275 22.62 -4.08 12.93
N CYS B 276 22.10 -3.70 11.77
CA CYS B 276 20.88 -4.30 11.25
C CYS B 276 21.12 -4.86 9.84
N GLY B 277 20.04 -5.29 9.17
CA GLY B 277 20.16 -6.01 7.93
C GLY B 277 20.04 -5.15 6.68
N ILE B 278 20.39 -5.76 5.55
CA ILE B 278 20.36 -5.13 4.23
C ILE B 278 19.24 -5.81 3.44
N THR B 279 18.09 -5.16 3.34
CA THR B 279 16.97 -5.80 2.66
C THR B 279 17.01 -5.63 1.14
N SER B 280 17.76 -4.67 0.62
CA SER B 280 17.81 -4.46 -0.83
C SER B 280 19.00 -3.61 -1.20
N VAL B 281 19.59 -3.93 -2.34
CA VAL B 281 20.72 -3.19 -2.90
C VAL B 281 20.42 -2.90 -4.36
N SER B 282 20.77 -1.70 -4.83
CA SER B 282 20.66 -1.35 -6.23
C SER B 282 21.83 -0.47 -6.65
N PHE B 283 22.08 -0.45 -7.96
CA PHE B 283 23.06 0.43 -8.58
C PHE B 283 22.33 1.56 -9.30
N SER B 284 23.10 2.40 -9.96
CA SER B 284 22.58 3.48 -10.78
C SER B 284 23.08 3.31 -12.22
N LYS B 285 22.74 4.29 -13.07
CA LYS B 285 23.06 4.19 -14.48
C LYS B 285 24.56 4.21 -14.73
N SER B 286 25.25 5.20 -14.17
CA SER B 286 26.69 5.33 -14.41
C SER B 286 27.53 4.45 -13.50
N GLY B 287 26.92 3.82 -12.49
CA GLY B 287 27.65 2.95 -11.59
C GLY B 287 28.47 3.66 -10.53
N ARG B 288 28.17 4.91 -10.23
CA ARG B 288 28.95 5.69 -9.28
C ARG B 288 28.29 5.81 -7.92
N LEU B 289 27.08 5.29 -7.76
CA LEU B 289 26.42 5.24 -6.46
C LEU B 289 25.95 3.83 -6.17
N LEU B 290 26.16 3.38 -4.93
CA LEU B 290 25.53 2.18 -4.43
C LEU B 290 24.40 2.60 -3.51
N LEU B 291 23.21 2.04 -3.71
CA LEU B 291 22.05 2.44 -2.94
C LEU B 291 21.57 1.26 -2.11
N ALA B 292 21.51 1.44 -0.79
CA ALA B 292 21.25 0.34 0.12
C ALA B 292 20.06 0.68 1.02
N GLY B 293 19.12 -0.26 1.14
CA GLY B 293 18.04 -0.16 2.10
C GLY B 293 18.34 -1.01 3.31
N TYR B 294 18.21 -0.41 4.50
CA TYR B 294 18.57 -1.06 5.76
C TYR B 294 17.32 -1.30 6.61
N ASP B 295 17.57 -1.78 7.83
CA ASP B 295 16.52 -1.94 8.83
C ASP B 295 16.50 -0.80 9.85
N ASP B 296 17.50 0.07 9.83
CA ASP B 296 17.54 1.26 10.68
C ASP B 296 16.64 2.34 10.21
N PHE B 297 15.75 1.95 9.31
CA PHE B 297 14.60 2.68 8.81
C PHE B 297 14.94 3.71 7.74
N ASN B 298 16.20 3.87 7.36
CA ASN B 298 16.58 4.85 6.35
C ASN B 298 17.55 4.24 5.36
N CYS B 299 17.49 4.72 4.12
CA CYS B 299 18.37 4.25 3.07
C CYS B 299 19.67 5.03 3.08
N ASN B 300 20.77 4.34 2.80
CA ASN B 300 22.06 4.97 2.63
C ASN B 300 22.48 4.95 1.17
N VAL B 301 23.36 5.88 0.83
CA VAL B 301 23.87 6.06 -0.52
C VAL B 301 25.39 6.04 -0.38
N TRP B 302 25.98 4.89 -0.65
CA TRP B 302 27.41 4.70 -0.53
C TRP B 302 28.11 5.12 -1.82
N ASP B 303 29.32 5.64 -1.67
CA ASP B 303 30.21 5.82 -2.80
C ASP B 303 30.58 4.42 -3.23
N ALA B 304 30.06 3.98 -4.38
CA ALA B 304 30.18 2.58 -4.77
C ALA B 304 31.53 2.23 -5.29
N LEU B 305 32.52 3.10 -5.10
CA LEU B 305 33.85 2.83 -5.60
C LEU B 305 34.94 3.18 -4.60
N LYS B 306 34.61 3.74 -3.44
CA LYS B 306 35.62 4.03 -2.42
C LYS B 306 35.17 3.54 -1.06
N ALA B 307 33.86 3.38 -0.87
CA ALA B 307 33.28 2.82 0.35
C ALA B 307 33.72 3.58 1.59
N ASP B 308 33.98 4.88 1.45
CA ASP B 308 34.49 5.69 2.54
C ASP B 308 33.48 6.71 3.05
N ARG B 309 32.24 6.68 2.58
CA ARG B 309 31.29 7.73 2.94
C ARG B 309 29.89 7.23 2.63
N ALA B 310 28.90 8.04 3.00
CA ALA B 310 27.50 7.73 2.74
C ALA B 310 26.60 8.97 2.84
N GLY B 311 25.93 9.34 1.73
CA GLY B 311 24.77 10.21 1.83
C GLY B 311 23.60 9.45 2.40
N VAL B 312 22.58 10.18 2.84
CA VAL B 312 21.50 9.56 3.62
C VAL B 312 20.16 10.03 3.09
N LEU B 313 19.20 9.12 3.04
CA LEU B 313 17.83 9.42 2.68
C LEU B 313 17.02 8.85 3.84
N ALA B 314 16.32 9.72 4.55
CA ALA B 314 15.38 9.34 5.58
C ALA B 314 13.97 9.69 5.13
N GLY B 315 13.01 9.44 6.01
CA GLY B 315 11.63 9.78 5.69
C GLY B 315 10.66 8.67 5.83
N HIS B 316 11.07 7.55 6.42
CA HIS B 316 10.22 6.38 6.60
C HIS B 316 10.11 6.05 8.07
N ASP B 317 8.93 5.56 8.44
CA ASP B 317 8.61 5.20 9.80
C ASP B 317 8.80 3.72 10.08
N ASN B 318 9.46 2.99 9.18
CA ASN B 318 9.62 1.56 9.34
C ASN B 318 10.77 1.09 8.44
N ARG B 319 10.85 -0.22 8.25
CA ARG B 319 11.91 -0.85 7.48
C ARG B 319 11.80 -0.60 5.97
N VAL B 320 12.97 -0.44 5.35
CA VAL B 320 13.06 -0.36 3.89
C VAL B 320 13.15 -1.76 3.33
N SER B 321 12.39 -2.05 2.28
CA SER B 321 12.40 -3.37 1.67
C SER B 321 12.77 -3.40 0.19
N CYS B 322 12.64 -2.30 -0.55
CA CYS B 322 12.98 -2.34 -1.97
C CYS B 322 13.34 -0.96 -2.49
N LEU B 323 14.17 -0.93 -3.53
CA LEU B 323 14.50 0.33 -4.19
C LEU B 323 14.89 0.07 -5.64
N GLY B 324 14.69 1.09 -6.47
CA GLY B 324 14.97 0.97 -7.89
C GLY B 324 15.46 2.28 -8.51
N VAL B 325 16.06 2.14 -9.69
CA VAL B 325 16.71 3.25 -10.40
C VAL B 325 16.28 3.22 -11.86
N THR B 326 16.04 4.40 -12.43
CA THR B 326 15.52 4.51 -13.80
C THR B 326 16.56 4.07 -14.83
N ASP B 327 16.08 3.77 -16.03
CA ASP B 327 16.97 3.38 -17.12
C ASP B 327 17.88 4.53 -17.52
N ASP B 328 17.35 5.75 -17.57
CA ASP B 328 18.14 6.92 -17.98
C ASP B 328 18.83 7.62 -16.82
N GLY B 329 18.56 7.21 -15.57
CA GLY B 329 19.24 7.78 -14.42
C GLY B 329 18.57 8.96 -13.77
N MET B 330 17.28 9.20 -14.04
CA MET B 330 16.67 10.45 -13.65
C MET B 330 16.18 10.45 -12.21
N ALA B 331 15.78 9.30 -11.66
CA ALA B 331 15.19 9.27 -10.34
C ALA B 331 15.55 7.97 -9.65
N VAL B 332 15.36 7.95 -8.32
CA VAL B 332 15.48 6.73 -7.53
C VAL B 332 14.24 6.60 -6.65
N ALA B 333 13.73 5.38 -6.52
CA ALA B 333 12.50 5.14 -5.79
C ALA B 333 12.74 4.16 -4.66
N THR B 334 12.16 4.46 -3.49
CA THR B 334 12.25 3.61 -2.31
C THR B 334 10.86 3.18 -1.87
N GLY B 335 10.71 1.89 -1.60
CA GLY B 335 9.50 1.32 -1.04
C GLY B 335 9.77 0.60 0.26
N SER B 336 8.98 0.93 1.28
CA SER B 336 9.27 0.58 2.66
C SER B 336 8.02 -0.03 3.30
N TRP B 337 8.13 -0.30 4.61
CA TRP B 337 7.09 -1.02 5.33
C TRP B 337 5.96 -0.13 5.82
N ASP B 338 6.06 1.18 5.63
CA ASP B 338 5.07 2.14 6.10
C ASP B 338 3.96 2.39 5.10
N SER B 339 3.94 1.65 3.99
CA SER B 339 3.00 1.72 2.87
C SER B 339 3.30 2.85 1.89
N PHE B 340 4.32 3.66 2.14
CA PHE B 340 4.61 4.81 1.31
C PHE B 340 5.78 4.53 0.38
N LEU B 341 5.66 4.97 -0.87
CA LEU B 341 6.66 4.79 -1.91
C LEU B 341 7.09 6.17 -2.38
N LYS B 342 8.38 6.44 -2.38
CA LYS B 342 8.88 7.80 -2.57
C LYS B 342 9.89 7.88 -3.69
N ILE B 343 9.96 9.07 -4.30
CA ILE B 343 10.75 9.34 -5.50
C ILE B 343 11.67 10.52 -5.22
N TRP B 344 12.97 10.28 -5.40
CA TRP B 344 14.00 11.28 -5.22
C TRP B 344 14.64 11.64 -6.55
N ASN B 345 14.97 12.92 -6.72
CA ASN B 345 15.65 13.37 -7.90
C ASN B 345 16.59 14.50 -7.49
N ASN C 5 28.02 -47.88 0.02
CA ASN C 5 26.88 -47.63 -0.84
C ASN C 5 27.28 -46.84 -2.09
N THR C 6 26.28 -46.37 -2.83
CA THR C 6 26.51 -45.60 -4.05
C THR C 6 26.22 -44.12 -3.89
N ALA C 7 25.50 -43.71 -2.84
CA ALA C 7 25.22 -42.29 -2.64
C ALA C 7 26.50 -41.50 -2.38
N SER C 8 27.39 -42.06 -1.55
CA SER C 8 28.66 -41.39 -1.29
C SER C 8 29.50 -41.28 -2.56
N ILE C 9 29.53 -42.33 -3.37
CA ILE C 9 30.29 -42.31 -4.62
C ILE C 9 29.71 -41.25 -5.56
N ALA C 10 28.39 -41.20 -5.67
CA ALA C 10 27.75 -40.19 -6.54
C ALA C 10 28.05 -38.78 -6.06
N GLN C 11 27.97 -38.55 -4.74
CA GLN C 11 28.28 -37.24 -4.21
C GLN C 11 29.74 -36.86 -4.47
N ALA C 12 30.66 -37.81 -4.29
CA ALA C 12 32.06 -37.54 -4.55
C ALA C 12 32.29 -37.22 -6.03
N ARG C 13 31.64 -37.97 -6.92
CA ARG C 13 31.80 -37.70 -8.35
C ARG C 13 31.24 -36.33 -8.73
N LYS C 14 30.07 -35.97 -8.18
CA LYS C 14 29.51 -34.65 -8.47
C LYS C 14 30.41 -33.54 -7.95
N LEU C 15 30.94 -33.69 -6.74
CA LEU C 15 31.85 -32.70 -6.20
C LEU C 15 33.11 -32.60 -7.05
N VAL C 16 33.63 -33.75 -7.51
CA VAL C 16 34.82 -33.74 -8.35
C VAL C 16 34.54 -32.99 -9.65
N GLU C 17 33.39 -33.26 -10.28
CA GLU C 17 33.05 -32.58 -11.52
C GLU C 17 32.92 -31.07 -11.31
N GLN C 18 32.23 -30.67 -10.23
CA GLN C 18 32.05 -29.24 -9.96
C GLN C 18 33.38 -28.56 -9.70
N LEU C 19 34.25 -29.19 -8.91
CA LEU C 19 35.54 -28.59 -8.59
C LEU C 19 36.46 -28.56 -9.80
N LYS C 20 36.39 -29.56 -10.67
CA LYS C 20 37.17 -29.55 -11.91
C LYS C 20 36.71 -28.44 -12.84
N MET C 21 35.39 -28.24 -12.95
CA MET C 21 34.89 -27.16 -13.78
C MET C 21 35.25 -25.79 -13.21
N GLU C 22 35.23 -25.66 -11.88
CA GLU C 22 35.56 -24.37 -11.27
C GLU C 22 37.07 -24.09 -11.29
N ALA C 23 37.89 -25.14 -11.28
CA ALA C 23 39.34 -24.94 -11.19
C ALA C 23 39.92 -24.47 -12.52
N ASN C 24 39.47 -25.04 -13.63
CA ASN C 24 40.04 -24.74 -14.95
C ASN C 24 39.37 -23.51 -15.56
N ILE C 25 39.67 -22.37 -14.94
CA ILE C 25 39.09 -21.09 -15.34
C ILE C 25 40.22 -20.06 -15.44
N ASP C 26 40.26 -19.33 -16.56
CA ASP C 26 41.26 -18.30 -16.78
C ASP C 26 40.84 -17.03 -16.03
N ARG C 27 41.19 -16.98 -14.76
CA ARG C 27 40.83 -15.85 -13.91
C ARG C 27 41.71 -14.65 -14.22
N ILE C 28 41.15 -13.46 -13.97
CA ILE C 28 41.84 -12.21 -14.23
C ILE C 28 42.04 -11.47 -12.90
N LYS C 29 42.94 -10.51 -12.93
CA LYS C 29 43.27 -9.75 -11.73
C LYS C 29 42.14 -8.81 -11.34
N VAL C 30 42.01 -8.57 -10.03
CA VAL C 30 40.97 -7.67 -9.54
C VAL C 30 41.27 -6.23 -9.92
N SER C 31 42.55 -5.87 -10.07
CA SER C 31 42.90 -4.50 -10.44
C SER C 31 42.35 -4.14 -11.81
N LYS C 32 42.42 -5.09 -12.76
CA LYS C 32 41.85 -4.86 -14.08
C LYS C 32 40.35 -4.66 -14.00
N ALA C 33 39.66 -5.45 -13.18
CA ALA C 33 38.22 -5.28 -13.02
C ALA C 33 37.93 -3.89 -12.47
N ALA C 34 38.65 -3.49 -11.41
CA ALA C 34 38.40 -2.18 -10.81
C ALA C 34 38.66 -1.06 -11.81
N ALA C 35 39.70 -1.20 -12.63
CA ALA C 35 39.96 -0.21 -13.67
C ALA C 35 38.81 -0.16 -14.66
N ASP C 36 38.28 -1.32 -15.04
CA ASP C 36 37.13 -1.34 -15.95
C ASP C 36 35.93 -0.63 -15.34
N LEU C 37 35.66 -0.88 -14.06
CA LEU C 37 34.52 -0.25 -13.40
C LEU C 37 34.69 1.26 -13.36
N MET C 38 35.86 1.73 -12.94
CA MET C 38 36.06 3.18 -12.82
C MET C 38 36.04 3.84 -14.20
N ALA C 39 36.57 3.16 -15.22
CA ALA C 39 36.53 3.71 -16.57
C ALA C 39 35.10 3.81 -17.08
N TYR C 40 34.27 2.80 -16.81
CA TYR C 40 32.88 2.88 -17.24
C TYR C 40 32.14 3.99 -16.51
N CYS C 41 32.40 4.15 -15.21
CA CYS C 41 31.74 5.20 -14.45
C CYS C 41 32.15 6.58 -14.96
N GLU C 42 33.44 6.76 -15.28
CA GLU C 42 33.91 8.06 -15.75
C GLU C 42 33.42 8.36 -17.16
N ALA C 43 33.62 7.43 -18.10
CA ALA C 43 33.25 7.66 -19.49
C ALA C 43 31.75 7.70 -19.70
N HIS C 44 30.96 7.59 -18.64
CA HIS C 44 29.52 7.68 -18.72
C HIS C 44 28.96 8.64 -17.67
N ALA C 45 29.84 9.44 -17.06
CA ALA C 45 29.44 10.25 -15.90
C ALA C 45 28.44 11.33 -16.28
N LYS C 46 28.71 12.07 -17.35
CA LYS C 46 27.93 13.26 -17.67
C LYS C 46 26.52 12.95 -18.16
N GLU C 47 26.09 11.69 -18.12
CA GLU C 47 24.73 11.34 -18.49
C GLU C 47 23.90 10.87 -17.30
N ASP C 48 24.40 11.01 -16.08
CA ASP C 48 23.68 10.54 -14.90
C ASP C 48 23.03 11.71 -14.20
N PRO C 49 21.71 11.84 -14.22
CA PRO C 49 21.06 12.94 -13.48
C PRO C 49 21.20 12.93 -11.97
N LEU C 50 21.26 11.76 -11.33
CA LEU C 50 21.29 11.70 -9.87
C LEU C 50 22.67 11.93 -9.29
N LEU C 51 23.63 12.40 -10.06
CA LEU C 51 24.90 12.84 -9.54
C LEU C 51 25.13 14.34 -9.74
N THR C 52 24.78 14.87 -10.90
CA THR C 52 24.80 16.31 -11.16
C THR C 52 23.41 16.70 -11.66
N PRO C 53 22.51 17.15 -10.78
CA PRO C 53 21.09 17.22 -11.14
C PRO C 53 20.83 18.18 -12.27
N VAL C 54 19.74 17.91 -12.99
CA VAL C 54 19.38 18.62 -14.21
C VAL C 54 18.77 19.98 -13.87
N PRO C 55 19.06 21.04 -14.62
CA PRO C 55 18.37 22.31 -14.39
C PRO C 55 16.87 22.17 -14.55
N ALA C 56 16.14 22.95 -13.74
CA ALA C 56 14.71 22.74 -13.57
C ALA C 56 13.95 22.86 -14.89
N SER C 57 14.54 23.49 -15.90
CA SER C 57 13.85 23.56 -17.19
C SER C 57 13.82 22.20 -17.88
N GLU C 58 14.94 21.46 -17.82
CA GLU C 58 15.04 20.16 -18.45
C GLU C 58 14.77 19.01 -17.49
N ASN C 59 14.88 19.25 -16.19
CA ASN C 59 14.57 18.22 -15.19
C ASN C 59 13.07 17.97 -15.20
N PRO C 60 12.62 16.73 -15.42
CA PRO C 60 11.18 16.50 -15.65
C PRO C 60 10.36 16.30 -14.39
N PHE C 61 11.00 16.21 -13.21
CA PHE C 61 10.26 16.09 -11.96
C PHE C 61 10.29 17.35 -11.12
N ARG C 62 11.35 18.14 -11.23
CA ARG C 62 11.44 19.45 -10.58
C ARG C 62 11.18 19.39 -9.08
N VAL D 1 -14.36 -8.00 -29.80
CA VAL D 1 -14.70 -6.58 -29.90
C VAL D 1 -15.72 -6.35 -31.00
N GLN D 2 -16.92 -5.95 -30.60
CA GLN D 2 -18.02 -5.71 -31.53
C GLN D 2 -18.92 -4.63 -30.95
N LEU D 3 -19.25 -3.64 -31.76
CA LEU D 3 -20.05 -2.49 -31.33
C LEU D 3 -21.23 -2.36 -32.29
N VAL D 4 -22.40 -2.80 -31.87
CA VAL D 4 -23.57 -2.83 -32.75
C VAL D 4 -24.49 -1.69 -32.34
N GLU D 5 -24.82 -0.82 -33.30
CA GLU D 5 -25.65 0.34 -33.04
C GLU D 5 -27.04 0.16 -33.64
N SER D 6 -28.04 0.71 -32.98
CA SER D 6 -29.41 0.57 -33.43
C SER D 6 -30.21 1.81 -33.04
N GLY D 7 -31.36 1.97 -33.69
CA GLY D 7 -32.30 3.03 -33.38
C GLY D 7 -32.50 4.08 -34.46
N GLY D 8 -31.78 4.05 -35.56
CA GLY D 8 -31.92 5.06 -36.59
C GLY D 8 -33.17 4.86 -37.43
N GLY D 9 -33.39 5.81 -38.33
CA GLY D 9 -34.56 5.78 -39.20
C GLY D 9 -34.80 7.13 -39.83
N LEU D 10 -36.07 7.39 -40.14
CA LEU D 10 -36.51 8.62 -40.78
C LEU D 10 -37.62 9.25 -39.98
N VAL D 11 -37.43 10.50 -39.55
CA VAL D 11 -38.41 11.22 -38.75
C VAL D 11 -38.58 12.63 -39.31
N GLN D 12 -39.73 13.23 -39.00
CA GLN D 12 -40.01 14.61 -39.36
C GLN D 12 -39.47 15.56 -38.29
N PRO D 13 -39.21 16.82 -38.65
CA PRO D 13 -38.59 17.74 -37.68
C PRO D 13 -39.43 17.74 -36.41
N GLY D 14 -38.74 17.91 -35.28
CA GLY D 14 -39.41 17.80 -34.00
C GLY D 14 -39.40 16.35 -33.57
N GLY D 15 -40.32 15.96 -32.69
CA GLY D 15 -40.34 14.59 -32.23
C GLY D 15 -39.16 14.27 -31.33
N SER D 16 -38.89 12.97 -31.20
CA SER D 16 -37.78 12.51 -30.38
C SER D 16 -37.43 11.08 -30.75
N ARG D 17 -36.18 10.72 -30.53
CA ARG D 17 -35.71 9.36 -30.77
C ARG D 17 -34.43 9.11 -29.98
N LYS D 18 -34.16 7.84 -29.71
CA LYS D 18 -33.04 7.42 -28.87
C LYS D 18 -32.21 6.39 -29.62
N LEU D 19 -30.93 6.67 -29.79
CA LEU D 19 -30.00 5.80 -30.49
C LEU D 19 -29.14 5.06 -29.49
N SER D 20 -29.15 3.72 -29.57
CA SER D 20 -28.51 2.86 -28.59
C SER D 20 -27.33 2.13 -29.21
N CYS D 21 -26.34 1.84 -28.38
CA CYS D 21 -25.15 1.11 -28.79
C CYS D 21 -24.91 -0.03 -27.82
N SER D 22 -24.78 -1.23 -28.35
CA SER D 22 -24.59 -2.45 -27.58
C SER D 22 -23.18 -2.98 -27.82
N ALA D 23 -22.46 -3.20 -26.74
CA ALA D 23 -21.06 -3.62 -26.77
C ALA D 23 -20.91 -5.09 -26.42
N SER D 24 -20.00 -5.78 -27.11
CA SER D 24 -19.79 -7.20 -26.86
C SER D 24 -18.36 -7.58 -27.17
N GLY D 25 -17.64 -8.07 -26.17
CA GLY D 25 -16.31 -8.60 -26.38
C GLY D 25 -15.20 -7.88 -25.65
N PHE D 26 -15.53 -6.94 -24.76
CA PHE D 26 -14.51 -6.13 -24.11
C PHE D 26 -15.06 -5.56 -22.82
N ALA D 27 -14.16 -5.13 -21.95
CA ALA D 27 -14.54 -4.49 -20.70
C ALA D 27 -15.18 -3.14 -21.00
N PHE D 28 -16.48 -3.04 -20.72
CA PHE D 28 -17.24 -1.85 -21.10
C PHE D 28 -16.84 -0.62 -20.31
N SER D 29 -16.57 -0.80 -19.02
CA SER D 29 -16.57 0.29 -18.06
C SER D 29 -15.21 0.92 -17.84
N SER D 30 -14.20 0.56 -18.63
CA SER D 30 -12.93 1.24 -18.55
C SER D 30 -12.72 2.22 -19.70
N PHE D 31 -13.62 2.24 -20.68
CA PHE D 31 -13.51 3.11 -21.86
C PHE D 31 -14.50 4.26 -21.77
N GLY D 32 -14.06 5.44 -22.21
CA GLY D 32 -14.97 6.54 -22.47
C GLY D 32 -15.47 6.49 -23.88
N MET D 33 -16.62 7.12 -24.12
CA MET D 33 -17.30 6.96 -25.40
C MET D 33 -17.63 8.30 -26.04
N HIS D 34 -17.64 8.30 -27.38
CA HIS D 34 -17.93 9.45 -28.23
C HIS D 34 -19.03 9.08 -29.21
N TRP D 35 -19.76 10.09 -29.66
CA TRP D 35 -20.64 9.97 -30.83
C TRP D 35 -20.25 11.00 -31.87
N VAL D 36 -20.10 10.53 -33.12
CA VAL D 36 -19.72 11.33 -34.28
C VAL D 36 -20.76 11.10 -35.37
N ARG D 37 -20.87 12.06 -36.31
CA ARG D 37 -21.80 11.93 -37.43
C ARG D 37 -21.14 12.36 -38.74
N GLN D 38 -21.67 11.81 -39.83
CA GLN D 38 -21.17 12.06 -41.18
C GLN D 38 -22.31 12.52 -42.07
N ALA D 39 -22.02 13.53 -42.91
CA ALA D 39 -22.96 14.14 -43.84
C ALA D 39 -23.28 13.18 -45.00
N PRO D 40 -24.48 13.28 -45.56
CA PRO D 40 -24.84 12.37 -46.67
C PRO D 40 -23.96 12.52 -47.90
N GLU D 41 -23.27 13.66 -48.05
CA GLU D 41 -22.39 13.86 -49.20
C GLU D 41 -21.05 14.46 -48.84
N LYS D 42 -20.79 14.76 -47.57
CA LYS D 42 -19.59 15.47 -47.16
C LYS D 42 -19.03 14.83 -45.90
N GLY D 43 -18.13 15.54 -45.24
CA GLY D 43 -17.31 14.97 -44.19
C GLY D 43 -17.97 14.67 -42.85
N LEU D 44 -17.16 14.71 -41.81
CA LEU D 44 -17.49 14.27 -40.46
C LEU D 44 -17.62 15.49 -39.55
N GLU D 45 -18.27 15.30 -38.41
CA GLU D 45 -18.32 16.34 -37.39
C GLU D 45 -18.63 15.74 -36.03
N TRP D 46 -17.88 16.17 -35.02
CA TRP D 46 -18.04 15.66 -33.66
C TRP D 46 -19.42 16.01 -33.13
N VAL D 47 -19.95 15.17 -32.23
CA VAL D 47 -21.24 15.47 -31.63
C VAL D 47 -21.13 15.49 -30.11
N ALA D 48 -20.76 14.38 -29.48
CA ALA D 48 -20.89 14.32 -28.02
C ALA D 48 -19.85 13.41 -27.39
N TYR D 49 -19.58 13.65 -26.11
CA TYR D 49 -18.59 12.85 -25.39
C TYR D 49 -18.98 12.62 -23.93
N ILE D 50 -18.94 11.36 -23.51
CA ILE D 50 -19.20 10.92 -22.14
C ILE D 50 -18.02 10.09 -21.67
N SER D 51 -17.78 10.11 -20.36
CA SER D 51 -16.55 9.54 -19.79
C SER D 51 -16.87 8.49 -18.74
N SER D 52 -15.82 8.08 -18.02
CA SER D 52 -15.92 6.99 -17.06
C SER D 52 -16.45 7.48 -15.73
N GLY D 53 -17.46 6.79 -15.20
CA GLY D 53 -18.08 7.18 -13.95
C GLY D 53 -19.19 8.20 -14.08
N SER D 54 -19.61 8.52 -15.30
CA SER D 54 -20.65 9.51 -15.56
C SER D 54 -20.34 10.86 -14.93
N GLY D 55 -19.05 11.21 -14.88
CA GLY D 55 -18.63 12.47 -14.29
C GLY D 55 -18.72 13.65 -15.24
N THR D 56 -18.02 13.55 -16.38
CA THR D 56 -17.92 14.64 -17.34
C THR D 56 -18.82 14.36 -18.53
N ILE D 57 -19.41 15.42 -19.08
CA ILE D 57 -20.13 15.37 -20.34
C ILE D 57 -19.78 16.63 -21.13
N TYR D 58 -19.46 16.46 -22.41
CA TYR D 58 -19.31 17.60 -23.30
C TYR D 58 -20.20 17.46 -24.53
N TYR D 59 -20.77 18.59 -24.94
CA TYR D 59 -21.47 18.72 -26.20
C TYR D 59 -20.73 19.71 -27.11
N ALA D 60 -21.22 19.82 -28.34
CA ALA D 60 -20.77 20.78 -29.31
C ALA D 60 -21.62 22.04 -29.20
N ASP D 61 -21.52 22.92 -30.20
CA ASP D 61 -22.19 24.20 -30.12
C ASP D 61 -23.65 24.13 -30.57
N THR D 62 -23.95 23.34 -31.60
CA THR D 62 -25.29 23.29 -32.20
C THR D 62 -26.16 22.19 -31.62
N VAL D 63 -25.87 21.73 -30.40
CA VAL D 63 -26.50 20.52 -29.90
C VAL D 63 -27.12 20.66 -28.51
N LYS D 64 -26.76 21.66 -27.71
CA LYS D 64 -27.16 21.67 -26.31
C LYS D 64 -28.68 21.75 -26.16
N GLY D 65 -29.17 21.34 -24.99
CA GLY D 65 -30.58 21.35 -24.70
C GLY D 65 -31.41 20.34 -25.46
N ARG D 66 -30.86 19.76 -26.52
CA ARG D 66 -31.55 18.79 -27.38
C ARG D 66 -31.08 17.36 -27.17
N PHE D 67 -29.78 17.17 -26.98
CA PHE D 67 -29.18 15.85 -26.89
C PHE D 67 -28.86 15.50 -25.46
N THR D 68 -28.95 14.21 -25.13
CA THR D 68 -28.59 13.72 -23.80
C THR D 68 -27.88 12.38 -23.95
N ILE D 69 -26.64 12.31 -23.49
CA ILE D 69 -25.88 11.07 -23.51
C ILE D 69 -25.91 10.45 -22.13
N SER D 70 -25.89 9.11 -22.11
CA SER D 70 -25.80 8.38 -20.85
C SER D 70 -25.24 7.00 -21.14
N ARG D 71 -24.78 6.34 -20.08
CA ARG D 71 -24.32 4.95 -20.19
C ARG D 71 -24.98 4.11 -19.10
N ASP D 72 -25.28 2.86 -19.45
CA ASP D 72 -25.79 1.88 -18.51
C ASP D 72 -24.76 0.75 -18.45
N ASP D 73 -23.95 0.76 -17.40
CA ASP D 73 -22.85 -0.18 -17.28
C ASP D 73 -23.30 -1.63 -17.15
N PRO D 74 -24.25 -2.00 -16.28
CA PRO D 74 -24.52 -3.44 -16.08
C PRO D 74 -24.88 -4.18 -17.35
N LYS D 75 -25.61 -3.56 -18.25
CA LYS D 75 -25.98 -4.18 -19.52
C LYS D 75 -25.03 -3.78 -20.64
N ASN D 76 -23.99 -3.00 -20.35
CA ASN D 76 -22.95 -2.61 -21.30
C ASN D 76 -23.53 -1.86 -22.50
N THR D 77 -24.19 -0.73 -22.21
CA THR D 77 -24.99 -0.07 -23.22
C THR D 77 -24.77 1.43 -23.16
N LEU D 78 -24.86 2.10 -24.31
CA LEU D 78 -24.74 3.55 -24.40
C LEU D 78 -25.95 4.14 -25.09
N PHE D 79 -26.43 5.29 -24.58
CA PHE D 79 -27.65 5.93 -25.06
C PHE D 79 -27.37 7.37 -25.48
N LEU D 80 -27.91 7.75 -26.65
CA LEU D 80 -28.07 9.15 -27.02
C LEU D 80 -29.56 9.43 -27.23
N GLN D 81 -30.03 10.55 -26.69
CA GLN D 81 -31.43 10.94 -26.81
C GLN D 81 -31.56 12.31 -27.47
N MET D 82 -32.48 12.40 -28.43
CA MET D 82 -32.58 13.48 -29.39
C MET D 82 -34.02 13.95 -29.46
N THR D 83 -34.20 15.27 -29.50
CA THR D 83 -35.53 15.88 -29.49
C THR D 83 -35.50 17.19 -30.26
N SER D 84 -36.66 17.56 -30.81
CA SER D 84 -36.84 18.82 -31.54
C SER D 84 -35.88 18.92 -32.72
N LEU D 85 -36.09 18.02 -33.68
CA LEU D 85 -35.18 17.89 -34.81
C LEU D 85 -35.53 18.87 -35.93
N ARG D 86 -34.59 19.03 -36.86
CA ARG D 86 -34.71 19.91 -38.00
C ARG D 86 -34.07 19.23 -39.20
N SER D 87 -34.33 19.77 -40.39
CA SER D 87 -33.80 19.18 -41.62
C SER D 87 -32.29 19.33 -41.75
N GLU D 88 -31.66 20.17 -40.94
CA GLU D 88 -30.21 20.26 -40.94
C GLU D 88 -29.57 19.04 -40.28
N ASP D 89 -30.35 18.23 -39.57
CA ASP D 89 -29.84 17.14 -38.75
C ASP D 89 -30.04 15.76 -39.39
N THR D 90 -29.87 15.65 -40.71
CA THR D 90 -29.86 14.36 -41.38
C THR D 90 -28.42 13.94 -41.65
N ALA D 91 -28.05 12.76 -41.20
CA ALA D 91 -26.67 12.30 -41.25
C ALA D 91 -26.65 10.81 -40.94
N MET D 92 -25.47 10.26 -40.69
CA MET D 92 -25.40 8.93 -40.11
C MET D 92 -24.36 8.94 -38.98
N TYR D 93 -24.61 8.13 -37.95
CA TYR D 93 -23.94 8.27 -36.66
C TYR D 93 -23.09 7.05 -36.33
N TYR D 94 -21.97 7.31 -35.64
CA TYR D 94 -21.01 6.30 -35.22
C TYR D 94 -20.69 6.47 -33.73
N CYS D 95 -20.52 5.34 -33.05
CA CYS D 95 -20.14 5.31 -31.64
C CYS D 95 -18.72 4.80 -31.52
N VAL D 96 -17.84 5.61 -30.95
CA VAL D 96 -16.41 5.32 -30.92
C VAL D 96 -15.97 5.23 -29.47
N ARG D 97 -15.05 4.31 -29.19
CA ARG D 97 -14.50 4.19 -27.84
C ARG D 97 -13.10 4.78 -27.80
N SER D 98 -12.68 5.14 -26.59
CA SER D 98 -11.33 5.64 -26.38
C SER D 98 -11.02 5.53 -24.90
N ILE D 99 -9.78 5.17 -24.57
CA ILE D 99 -9.36 5.04 -23.18
C ILE D 99 -8.11 5.88 -22.99
N TYR D 100 -8.14 6.75 -21.99
CA TYR D 100 -7.08 7.74 -21.77
C TYR D 100 -6.25 7.31 -20.57
N TYR D 101 -5.02 6.89 -20.86
CA TYR D 101 -3.97 6.68 -19.88
C TYR D 101 -2.68 6.71 -20.68
N TYR D 102 -1.55 6.81 -20.00
CA TYR D 102 -0.32 7.07 -20.71
C TYR D 102 0.00 5.92 -21.67
N GLY D 103 0.27 6.26 -22.93
CA GLY D 103 0.58 5.29 -23.95
C GLY D 103 -0.60 4.84 -24.78
N SER D 104 -1.82 5.22 -24.43
CA SER D 104 -3.00 4.67 -25.06
C SER D 104 -3.13 5.16 -26.52
N SER D 105 -4.09 4.57 -27.23
CA SER D 105 -4.37 4.89 -28.63
C SER D 105 -5.86 5.09 -28.81
N PRO D 106 -6.38 6.28 -28.50
CA PRO D 106 -7.82 6.51 -28.55
C PRO D 106 -8.37 6.45 -29.96
N PHE D 107 -9.70 6.41 -30.04
CA PHE D 107 -10.42 6.24 -31.30
C PHE D 107 -9.99 4.95 -32.00
N ASP D 108 -9.73 3.91 -31.21
CA ASP D 108 -9.15 2.69 -31.76
C ASP D 108 -10.12 1.97 -32.69
N PHE D 109 -11.35 1.76 -32.26
CA PHE D 109 -12.29 0.96 -33.03
C PHE D 109 -13.61 1.69 -33.18
N TRP D 110 -14.14 1.66 -34.40
CA TRP D 110 -15.33 2.40 -34.80
C TRP D 110 -16.46 1.42 -35.05
N GLY D 111 -17.69 1.90 -34.93
CA GLY D 111 -18.85 1.08 -35.16
C GLY D 111 -19.25 1.09 -36.62
N GLN D 112 -20.45 0.57 -36.87
CA GLN D 112 -21.00 0.64 -38.23
C GLN D 112 -21.81 1.86 -38.52
N GLY D 113 -22.51 2.42 -37.50
CA GLY D 113 -23.30 3.62 -37.65
C GLY D 113 -24.73 3.31 -38.03
N THR D 114 -25.56 4.34 -37.90
CA THR D 114 -26.97 4.25 -38.27
C THR D 114 -27.39 5.52 -39.00
N THR D 115 -28.30 5.35 -39.96
CA THR D 115 -28.77 6.46 -40.77
C THR D 115 -29.94 7.15 -40.09
N LEU D 116 -29.87 8.47 -39.98
CA LEU D 116 -30.97 9.28 -39.48
C LEU D 116 -31.32 10.31 -40.54
N THR D 117 -32.59 10.35 -40.92
CA THR D 117 -33.07 11.20 -42.00
C THR D 117 -34.18 12.11 -41.47
N VAL D 118 -34.16 13.38 -41.89
CA VAL D 118 -35.16 14.36 -41.51
C VAL D 118 -35.64 15.07 -42.77
N SER D 119 -36.95 15.08 -42.98
CA SER D 119 -37.54 15.71 -44.15
C SER D 119 -37.18 17.18 -44.25
N ASP D 137 -12.66 29.25 -32.22
CA ASP D 137 -12.74 27.86 -32.62
C ASP D 137 -11.61 27.56 -33.59
N ILE D 138 -11.31 26.27 -33.75
CA ILE D 138 -10.24 25.80 -34.62
C ILE D 138 -10.88 24.99 -35.74
N VAL D 139 -10.48 25.27 -36.99
CA VAL D 139 -11.06 24.62 -38.16
C VAL D 139 -9.95 23.96 -38.98
N MET D 140 -10.34 22.95 -39.74
CA MET D 140 -9.42 22.16 -40.56
C MET D 140 -9.66 22.47 -42.03
N THR D 141 -8.59 22.79 -42.76
CA THR D 141 -8.64 23.05 -44.19
C THR D 141 -7.97 21.90 -44.92
N GLN D 142 -8.73 21.23 -45.79
CA GLN D 142 -8.20 20.15 -46.61
C GLN D 142 -7.80 20.69 -47.98
N ALA D 143 -6.59 20.33 -48.41
CA ALA D 143 -6.00 20.98 -49.58
C ALA D 143 -6.80 20.71 -50.85
N THR D 144 -7.25 19.47 -51.06
CA THR D 144 -7.81 19.08 -52.34
C THR D 144 -9.08 18.26 -52.13
N SER D 145 -9.84 18.11 -53.20
CA SER D 145 -11.06 17.31 -53.20
C SER D 145 -10.92 16.01 -53.97
N SER D 146 -9.95 15.89 -54.86
CA SER D 146 -9.72 14.65 -55.60
C SER D 146 -8.34 14.69 -56.22
N VAL D 147 -7.63 13.56 -56.15
CA VAL D 147 -6.32 13.41 -56.77
C VAL D 147 -6.24 12.05 -57.47
N PRO D 148 -5.95 12.00 -58.75
CA PRO D 148 -5.84 10.70 -59.44
C PRO D 148 -4.58 9.96 -59.01
N VAL D 149 -4.64 8.62 -59.12
CA VAL D 149 -3.56 7.75 -58.65
C VAL D 149 -3.37 6.59 -59.60
N THR D 150 -2.27 5.88 -59.41
CA THR D 150 -1.93 4.65 -60.12
C THR D 150 -1.33 3.59 -59.20
N PRO D 151 -1.67 2.32 -59.41
CA PRO D 151 -1.16 1.25 -58.53
C PRO D 151 0.33 1.16 -58.81
N GLY D 152 1.15 1.76 -57.94
CA GLY D 152 2.59 1.57 -58.00
C GLY D 152 3.42 2.82 -57.76
N GLU D 153 2.77 3.98 -57.73
CA GLU D 153 3.44 5.23 -57.41
C GLU D 153 3.18 5.63 -55.96
N SER D 154 3.99 6.56 -55.47
CA SER D 154 3.87 7.06 -54.11
C SER D 154 3.02 8.32 -54.08
N VAL D 155 2.20 8.45 -53.02
CA VAL D 155 1.24 9.54 -52.93
C VAL D 155 1.31 10.20 -51.56
N SER D 156 0.93 11.48 -51.54
CA SER D 156 0.92 12.29 -50.32
C SER D 156 -0.39 13.08 -50.25
N ILE D 157 -0.86 13.32 -49.03
CA ILE D 157 -1.99 14.20 -48.78
C ILE D 157 -1.62 15.13 -47.63
N SER D 158 -2.25 16.31 -47.58
CA SER D 158 -1.93 17.29 -46.56
C SER D 158 -3.16 18.10 -46.16
N CYS D 159 -3.15 18.57 -44.91
CA CYS D 159 -4.18 19.48 -44.43
C CYS D 159 -3.55 20.47 -43.46
N ARG D 160 -4.32 21.52 -43.12
CA ARG D 160 -3.83 22.58 -42.25
C ARG D 160 -4.85 22.92 -41.18
N SER D 161 -4.36 23.39 -40.03
CA SER D 161 -5.18 23.72 -38.88
C SER D 161 -5.14 25.23 -38.64
N SER D 162 -6.27 25.78 -38.18
CA SER D 162 -6.38 27.22 -38.00
C SER D 162 -5.67 27.72 -36.76
N LYS D 163 -5.22 26.83 -35.89
CA LYS D 163 -4.44 27.20 -34.72
C LYS D 163 -3.46 26.08 -34.42
N SER D 164 -2.35 26.42 -33.76
CA SER D 164 -1.33 25.42 -33.45
C SER D 164 -1.91 24.34 -32.55
N LEU D 165 -1.44 23.12 -32.73
CA LEU D 165 -1.97 21.96 -32.02
C LEU D 165 -0.95 21.29 -31.10
N LEU D 166 0.27 21.83 -31.02
CA LEU D 166 1.29 21.31 -30.11
C LEU D 166 1.03 21.88 -28.72
N HIS D 167 0.63 21.01 -27.79
CA HIS D 167 0.42 21.38 -26.40
C HIS D 167 1.78 21.52 -25.70
N SER D 168 1.74 21.73 -24.39
CA SER D 168 2.96 21.99 -23.62
C SER D 168 3.70 20.73 -23.21
N ASN D 169 3.11 19.55 -23.40
CA ASN D 169 3.69 18.29 -22.92
C ASN D 169 4.29 17.45 -24.03
N GLY D 170 4.53 18.03 -25.20
CA GLY D 170 5.07 17.30 -26.33
C GLY D 170 4.02 16.70 -27.26
N ASN D 171 2.77 16.63 -26.81
CA ASN D 171 1.72 16.03 -27.61
C ASN D 171 1.38 16.91 -28.81
N THR D 172 0.97 16.26 -29.89
CA THR D 172 0.55 16.95 -31.11
C THR D 172 -0.73 16.29 -31.59
N TYR D 173 -1.88 16.82 -31.12
CA TYR D 173 -3.13 16.09 -31.29
C TYR D 173 -3.69 16.21 -32.70
N LEU D 174 -3.31 15.26 -33.56
CA LEU D 174 -3.88 15.12 -34.89
C LEU D 174 -4.12 13.65 -35.17
N TYR D 175 -5.29 13.35 -35.72
CA TYR D 175 -5.75 12.00 -35.99
C TYR D 175 -6.06 11.85 -37.47
N TRP D 176 -5.52 10.79 -38.08
CA TRP D 176 -5.69 10.51 -39.51
C TRP D 176 -6.53 9.27 -39.68
N PHE D 177 -7.62 9.40 -40.44
CA PHE D 177 -8.60 8.35 -40.64
C PHE D 177 -8.84 8.10 -42.13
N LEU D 178 -9.20 6.86 -42.46
CA LEU D 178 -9.56 6.44 -43.80
C LEU D 178 -11.00 5.96 -43.82
N GLN D 179 -11.63 6.02 -44.99
CA GLN D 179 -12.94 5.44 -45.20
C GLN D 179 -12.98 4.90 -46.63
N ARG D 180 -13.12 3.56 -46.76
CA ARG D 180 -13.28 2.82 -48.01
C ARG D 180 -14.75 2.69 -48.36
N PRO D 181 -15.06 2.49 -49.64
CA PRO D 181 -16.47 2.46 -50.06
C PRO D 181 -17.30 1.45 -49.30
N GLY D 182 -18.52 1.85 -48.97
CA GLY D 182 -19.47 0.99 -48.31
C GLY D 182 -19.10 0.53 -46.92
N GLN D 183 -18.10 1.15 -46.31
CA GLN D 183 -17.52 0.66 -45.06
C GLN D 183 -17.69 1.69 -43.95
N SER D 184 -17.04 1.43 -42.82
CA SER D 184 -16.96 2.31 -41.68
C SER D 184 -15.53 2.77 -41.47
N PRO D 185 -15.33 3.93 -40.83
CA PRO D 185 -13.98 4.48 -40.72
C PRO D 185 -13.08 3.59 -39.88
N GLN D 186 -11.77 3.69 -40.14
CA GLN D 186 -10.78 2.87 -39.47
C GLN D 186 -9.55 3.72 -39.18
N LEU D 187 -9.07 3.64 -37.95
CA LEU D 187 -7.95 4.49 -37.54
C LEU D 187 -6.70 4.11 -38.30
N LEU D 188 -5.90 5.12 -38.62
CA LEU D 188 -4.61 4.95 -39.26
C LEU D 188 -3.49 5.65 -38.52
N ILE D 189 -3.73 6.84 -37.98
CA ILE D 189 -2.69 7.55 -37.24
C ILE D 189 -3.30 8.28 -36.06
N TYR D 190 -2.67 8.14 -34.89
CA TYR D 190 -3.00 8.91 -33.70
C TYR D 190 -1.75 9.67 -33.25
N ARG D 191 -1.94 10.91 -32.83
CA ARG D 191 -0.84 11.78 -32.37
C ARG D 191 0.28 11.90 -33.40
N MET D 192 -0.09 11.93 -34.68
CA MET D 192 0.75 12.43 -35.77
C MET D 192 1.88 11.50 -36.19
N SER D 193 2.16 10.43 -35.45
CA SER D 193 3.34 9.63 -35.80
C SER D 193 3.19 8.12 -35.63
N ASN D 194 2.06 7.60 -35.18
CA ASN D 194 1.97 6.21 -34.77
C ASN D 194 0.89 5.48 -35.56
N LEU D 195 1.06 4.17 -35.68
CA LEU D 195 0.16 3.32 -36.44
C LEU D 195 -0.81 2.63 -35.50
N ALA D 196 -2.06 2.49 -35.94
CA ALA D 196 -3.07 1.77 -35.20
C ALA D 196 -2.91 0.26 -35.41
N SER D 197 -3.90 -0.50 -34.97
CA SER D 197 -3.84 -1.95 -35.08
C SER D 197 -4.33 -2.41 -36.45
N GLY D 198 -3.67 -3.45 -36.98
CA GLY D 198 -4.09 -4.06 -38.22
C GLY D 198 -3.79 -3.29 -39.48
N VAL D 199 -2.76 -2.46 -39.48
CA VAL D 199 -2.43 -1.58 -40.60
C VAL D 199 -1.00 -1.89 -41.05
N PRO D 200 -0.77 -2.06 -42.35
CA PRO D 200 0.59 -2.32 -42.82
C PRO D 200 1.53 -1.16 -42.55
N ASP D 201 2.82 -1.47 -42.51
CA ASP D 201 3.85 -0.49 -42.19
C ASP D 201 4.30 0.32 -43.40
N ARG D 202 3.58 0.28 -44.51
CA ARG D 202 3.87 1.18 -45.62
C ARG D 202 3.30 2.57 -45.38
N PHE D 203 2.22 2.68 -44.61
CA PHE D 203 1.63 3.97 -44.28
C PHE D 203 2.59 4.77 -43.41
N SER D 204 2.56 6.08 -43.56
CA SER D 204 3.40 6.92 -42.71
C SER D 204 2.78 8.32 -42.65
N GLY D 205 3.25 9.12 -41.70
CA GLY D 205 2.74 10.47 -41.55
C GLY D 205 3.68 11.32 -40.74
N SER D 206 3.53 12.64 -40.92
CA SER D 206 4.36 13.60 -40.20
C SER D 206 3.67 14.96 -40.22
N GLY D 207 4.30 15.93 -39.59
CA GLY D 207 3.71 17.26 -39.50
C GLY D 207 4.71 18.27 -39.03
N SER D 208 4.23 19.51 -38.92
CA SER D 208 5.03 20.67 -38.56
C SER D 208 4.12 21.66 -37.86
N GLY D 209 4.46 22.95 -38.00
CA GLY D 209 3.66 24.05 -37.46
C GLY D 209 2.48 24.37 -38.36
N THR D 210 1.36 23.68 -38.14
CA THR D 210 0.05 23.84 -38.85
C THR D 210 0.04 23.24 -40.27
N ALA D 211 1.04 22.45 -40.66
CA ALA D 211 0.95 21.84 -41.99
C ALA D 211 1.25 20.35 -41.85
N PHE D 212 0.25 19.51 -42.11
CA PHE D 212 0.34 18.09 -41.76
C PHE D 212 0.21 17.22 -43.00
N THR D 213 1.01 16.15 -43.07
CA THR D 213 1.12 15.32 -44.26
C THR D 213 1.01 13.85 -43.92
N LEU D 214 0.38 13.09 -44.82
CA LEU D 214 0.26 11.64 -44.76
C LEU D 214 0.79 11.06 -46.06
N THR D 215 1.55 9.97 -45.97
CA THR D 215 2.24 9.38 -47.10
C THR D 215 1.87 7.91 -47.24
N ILE D 216 1.51 7.51 -48.46
CA ILE D 216 1.24 6.12 -48.79
C ILE D 216 2.18 5.72 -49.93
N SER D 217 2.88 4.60 -49.76
CA SER D 217 3.78 4.07 -50.78
C SER D 217 3.26 2.71 -51.22
N ARG D 218 3.46 2.40 -52.49
CA ARG D 218 3.04 1.13 -53.09
C ARG D 218 1.54 0.91 -52.87
N LEU D 219 0.76 1.78 -53.50
CA LEU D 219 -0.70 1.67 -53.47
C LEU D 219 -1.17 0.28 -53.90
N GLU D 220 -2.36 -0.08 -53.45
CA GLU D 220 -2.97 -1.36 -53.76
C GLU D 220 -4.47 -1.17 -53.89
N ALA D 221 -5.18 -2.27 -54.10
CA ALA D 221 -6.63 -2.25 -54.11
C ALA D 221 -7.16 -2.29 -52.67
N GLU D 222 -8.42 -1.91 -52.52
CA GLU D 222 -8.99 -1.63 -51.20
C GLU D 222 -8.14 -0.63 -50.43
N ASP D 223 -7.52 0.28 -51.17
CA ASP D 223 -6.73 1.38 -50.63
C ASP D 223 -7.12 2.68 -51.32
N VAL D 224 -8.35 2.74 -51.81
CA VAL D 224 -8.87 3.89 -52.54
C VAL D 224 -10.15 4.36 -51.84
N GLY D 225 -10.25 5.66 -51.62
CA GLY D 225 -11.37 6.18 -50.85
C GLY D 225 -11.04 7.56 -50.30
N VAL D 226 -11.63 7.86 -49.14
CA VAL D 226 -11.64 9.21 -48.60
C VAL D 226 -10.77 9.24 -47.35
N TYR D 227 -10.05 10.35 -47.17
CA TYR D 227 -9.11 10.55 -46.07
C TYR D 227 -9.49 11.79 -45.28
N TYR D 228 -9.40 11.69 -43.95
CA TYR D 228 -9.77 12.78 -43.06
C TYR D 228 -8.71 13.02 -42.00
N CYS D 229 -8.64 14.26 -41.53
CA CYS D 229 -7.75 14.66 -40.45
C CYS D 229 -8.57 15.38 -39.38
N MET D 230 -8.14 15.22 -38.13
CA MET D 230 -8.91 15.65 -36.96
C MET D 230 -7.97 16.17 -35.88
N GLN D 231 -8.48 17.09 -35.06
CA GLN D 231 -7.73 17.64 -33.93
C GLN D 231 -8.40 17.25 -32.63
N HIS D 232 -7.60 17.17 -31.55
CA HIS D 232 -8.15 16.99 -30.22
C HIS D 232 -7.40 17.80 -29.16
N LEU D 233 -7.04 19.04 -29.47
CA LEU D 233 -6.34 19.86 -28.47
C LEU D 233 -7.32 20.37 -27.43
N GLU D 234 -8.53 20.71 -27.87
CA GLU D 234 -9.55 21.29 -26.93
C GLU D 234 -10.95 21.19 -27.57
N TYR D 235 -11.95 20.79 -26.77
CA TYR D 235 -13.34 20.66 -27.27
C TYR D 235 -13.83 22.06 -27.65
N PRO D 236 -14.73 22.14 -28.63
CA PRO D 236 -15.24 20.95 -29.33
C PRO D 236 -14.33 20.48 -30.46
N LEU D 237 -14.53 19.23 -30.87
CA LEU D 237 -13.68 18.58 -31.85
C LEU D 237 -14.14 18.95 -33.25
N THR D 238 -13.18 19.14 -34.17
CA THR D 238 -13.48 19.65 -35.50
C THR D 238 -12.77 18.85 -36.58
N PHE D 239 -13.52 18.42 -37.59
CA PHE D 239 -13.02 17.71 -38.74
C PHE D 239 -12.69 18.66 -39.89
N GLY D 240 -12.44 18.08 -41.05
CA GLY D 240 -12.26 18.83 -42.29
C GLY D 240 -13.06 18.17 -43.40
N ALA D 241 -12.73 18.49 -44.65
CA ALA D 241 -13.55 18.07 -45.79
C ALA D 241 -13.12 16.75 -46.41
N GLY D 242 -11.89 16.30 -46.17
CA GLY D 242 -11.45 14.99 -46.59
C GLY D 242 -11.11 14.93 -48.08
N THR D 243 -9.98 14.33 -48.41
CA THR D 243 -9.57 14.21 -49.80
C THR D 243 -9.89 12.81 -50.31
N LYS D 244 -9.70 12.62 -51.62
CA LYS D 244 -10.10 11.37 -52.26
C LYS D 244 -8.97 10.86 -53.15
N LEU D 245 -8.67 9.57 -53.03
CA LEU D 245 -7.84 8.88 -54.00
C LEU D 245 -8.73 7.87 -54.71
N GLU D 246 -8.87 8.05 -56.02
CA GLU D 246 -9.79 7.28 -56.86
C GLU D 246 -9.02 6.60 -57.98
N LEU D 247 -9.39 5.35 -58.25
CA LEU D 247 -8.73 4.56 -59.28
C LEU D 247 -9.65 3.49 -59.82
N THR E 923 -18.01 38.16 38.14
CA THR E 923 -16.97 38.26 37.14
C THR E 923 -16.13 36.98 37.10
N ASN E 924 -16.13 36.26 38.20
CA ASN E 924 -15.30 35.07 38.33
C ASN E 924 -15.82 33.95 37.43
N PHE E 925 -15.13 32.81 37.47
CA PHE E 925 -15.50 31.72 36.58
C PHE E 925 -16.88 31.18 36.92
N ALA E 926 -17.21 31.16 38.21
CA ALA E 926 -18.47 30.56 38.65
C ALA E 926 -19.68 31.20 38.00
N VAL E 927 -19.56 32.43 37.52
CA VAL E 927 -20.68 33.10 36.87
C VAL E 927 -21.19 32.30 35.68
N LEU E 928 -20.34 31.50 35.04
CA LEU E 928 -20.79 30.74 33.88
C LEU E 928 -22.01 29.93 34.25
N MET E 929 -22.02 29.32 35.44
CA MET E 929 -23.10 28.42 35.76
C MET E 929 -23.75 28.70 37.11
N ALA E 930 -23.13 29.48 37.98
CA ALA E 930 -23.71 29.70 39.30
C ALA E 930 -25.05 30.40 39.18
N HIS E 931 -26.09 29.74 39.66
CA HIS E 931 -27.45 30.29 39.63
C HIS E 931 -27.75 31.02 40.93
N VAL E 932 -26.73 31.64 41.52
CA VAL E 932 -26.80 32.11 42.90
C VAL E 932 -27.49 33.47 42.86
N GLU E 933 -28.83 33.44 42.94
CA GLU E 933 -29.63 34.66 42.86
C GLU E 933 -29.37 35.61 44.01
N VAL E 934 -28.76 35.15 45.11
CA VAL E 934 -28.53 35.99 46.26
C VAL E 934 -27.03 35.97 46.58
N LYS E 935 -26.19 35.93 45.55
CA LYS E 935 -24.76 35.98 45.75
C LYS E 935 -24.36 37.29 46.42
N HIS E 936 -23.89 37.20 47.66
CA HIS E 936 -23.44 38.36 48.43
C HIS E 936 -22.19 37.96 49.20
N SER E 937 -21.73 38.86 50.06
CA SER E 937 -20.52 38.60 50.82
C SER E 937 -20.38 39.65 51.92
N ASP E 938 -19.48 39.38 52.86
CA ASP E 938 -19.11 40.33 53.90
C ASP E 938 -17.61 40.30 54.16
N ALA E 939 -16.82 40.01 53.14
CA ALA E 939 -15.40 39.73 53.30
C ALA E 939 -14.63 40.24 52.10
N VAL E 940 -13.51 39.58 51.79
CA VAL E 940 -12.71 39.85 50.60
C VAL E 940 -13.02 38.84 49.50
N HIS E 941 -14.14 38.13 49.64
CA HIS E 941 -14.50 37.02 48.75
C HIS E 941 -14.16 37.31 47.30
N ASP E 942 -14.79 38.36 46.73
CA ASP E 942 -14.75 38.58 45.29
C ASP E 942 -13.32 38.61 44.76
N LEU E 943 -12.40 39.26 45.50
CA LEU E 943 -11.01 39.32 45.07
C LEU E 943 -10.45 37.92 44.89
N LEU E 944 -10.57 37.09 45.93
CA LEU E 944 -9.98 35.75 45.88
C LEU E 944 -10.61 34.91 44.77
N LEU E 945 -11.95 34.87 44.71
CA LEU E 945 -12.62 34.06 43.70
C LEU E 945 -12.21 34.48 42.28
N ASP E 946 -12.29 35.79 41.99
CA ASP E 946 -12.03 36.24 40.63
C ASP E 946 -10.56 36.09 40.28
N VAL E 947 -9.66 36.28 41.25
CA VAL E 947 -8.24 36.09 40.97
C VAL E 947 -7.94 34.64 40.66
N ILE E 948 -8.59 33.72 41.40
CA ILE E 948 -8.43 32.30 41.09
C ILE E 948 -8.92 32.01 39.67
N THR E 949 -10.09 32.56 39.30
CA THR E 949 -10.59 32.39 37.94
C THR E 949 -9.57 32.83 36.91
N TRP E 950 -9.07 34.06 37.04
CA TRP E 950 -8.22 34.63 36.00
C TRP E 950 -6.88 33.92 35.93
N VAL E 951 -6.26 33.67 37.09
CA VAL E 951 -4.95 33.03 37.08
C VAL E 951 -5.09 31.59 36.61
N GLY E 952 -6.23 30.95 36.88
CA GLY E 952 -6.45 29.61 36.36
C GLY E 952 -6.56 29.59 34.85
N ILE E 953 -7.31 30.54 34.28
CA ILE E 953 -7.38 30.62 32.82
C ILE E 953 -6.00 30.88 32.24
N LEU E 954 -5.23 31.79 32.86
CA LEU E 954 -3.89 32.08 32.36
C LEU E 954 -2.93 30.91 32.54
N LEU E 955 -3.22 30.00 33.47
CA LEU E 955 -2.47 28.75 33.53
C LEU E 955 -2.84 27.86 32.36
N SER E 956 -4.06 27.99 31.84
CA SER E 956 -4.42 27.41 30.56
C SER E 956 -3.95 28.37 29.46
N LEU E 957 -4.41 28.15 28.23
CA LEU E 957 -4.04 28.95 27.06
C LEU E 957 -2.55 28.89 26.76
N VAL E 958 -1.80 28.05 27.47
CA VAL E 958 -0.39 27.84 27.21
C VAL E 958 -0.11 26.38 26.85
N CYS E 959 -0.52 25.45 27.73
CA CYS E 959 -0.39 24.04 27.42
C CYS E 959 -1.41 23.58 26.39
N LEU E 960 -2.58 24.21 26.36
CA LEU E 960 -3.60 23.84 25.38
C LEU E 960 -3.14 24.14 23.95
N LEU E 961 -2.31 25.17 23.76
CA LEU E 961 -1.80 25.46 22.42
C LEU E 961 -0.93 24.33 21.90
N ILE E 962 0.06 23.90 22.70
CA ILE E 962 0.90 22.78 22.31
C ILE E 962 0.07 21.51 22.18
N CYS E 963 -0.96 21.36 23.00
CA CYS E 963 -1.86 20.22 22.88
C CYS E 963 -2.48 20.22 21.49
N ILE E 964 -3.16 21.31 21.12
CA ILE E 964 -3.85 21.35 19.84
C ILE E 964 -2.85 21.22 18.70
N PHE E 965 -1.60 21.63 18.92
CA PHE E 965 -0.57 21.41 17.90
C PHE E 965 -0.30 19.92 17.71
N THR E 966 -0.11 19.19 18.82
CA THR E 966 0.23 17.78 18.71
C THR E 966 -0.94 16.94 18.21
N PHE E 967 -2.15 17.22 18.68
CA PHE E 967 -3.34 16.49 18.23
C PHE E 967 -3.75 16.84 16.81
N CYS E 968 -2.96 17.64 16.10
CA CYS E 968 -3.27 18.03 14.73
C CYS E 968 -2.16 17.73 13.74
N PHE E 969 -0.94 17.47 14.21
CA PHE E 969 0.23 17.41 13.35
C PHE E 969 0.71 15.99 13.04
N PHE E 970 0.93 15.18 14.07
CA PHE E 970 1.56 13.87 13.89
C PHE E 970 0.71 12.86 13.15
N ARG E 971 1.09 12.57 11.90
CA ARG E 971 0.25 11.82 10.97
C ARG E 971 -0.06 10.42 11.47
N GLY E 972 0.82 9.83 12.28
CA GLY E 972 0.64 8.45 12.71
C GLY E 972 -0.36 8.25 13.82
N LEU E 973 -1.08 9.28 14.24
CA LEU E 973 -2.00 9.19 15.35
C LEU E 973 -3.46 9.28 14.94
N GLN E 974 -3.75 9.50 13.66
CA GLN E 974 -5.10 9.86 13.22
C GLN E 974 -6.08 8.71 13.36
N SER E 975 -6.82 8.69 14.45
CA SER E 975 -7.94 7.78 14.67
C SER E 975 -9.17 8.59 15.05
N ASP E 976 -10.22 7.89 15.49
CA ASP E 976 -11.43 8.59 15.94
C ASP E 976 -11.18 9.35 17.24
N ARG E 977 -10.46 8.73 18.18
CA ARG E 977 -10.19 9.37 19.45
C ARG E 977 -9.36 10.64 19.26
N ASN E 978 -8.38 10.60 18.36
CA ASN E 978 -7.58 11.78 18.11
C ASN E 978 -8.42 12.91 17.55
N THR E 979 -9.35 12.56 16.65
CA THR E 979 -10.30 13.53 16.14
C THR E 979 -11.08 14.20 17.27
N ILE E 980 -11.65 13.40 18.18
CA ILE E 980 -12.46 13.99 19.24
C ILE E 980 -11.63 14.85 20.16
N HIS E 981 -10.44 14.38 20.55
CA HIS E 981 -9.56 15.18 21.39
C HIS E 981 -9.24 16.52 20.74
N LYS E 982 -8.84 16.48 19.47
CA LYS E 982 -8.49 17.71 18.75
C LYS E 982 -9.65 18.69 18.70
N ASN E 983 -10.84 18.21 18.33
CA ASN E 983 -11.98 19.11 18.17
C ASN E 983 -12.44 19.72 19.49
N LEU E 984 -12.50 18.92 20.54
CA LEU E 984 -12.90 19.44 21.84
C LEU E 984 -11.84 20.39 22.39
N CYS E 985 -10.57 20.13 22.12
CA CYS E 985 -9.51 21.03 22.58
C CYS E 985 -9.59 22.39 21.89
N ILE E 986 -9.85 22.39 20.57
CA ILE E 986 -9.93 23.68 19.88
C ILE E 986 -11.15 24.47 20.36
N SER E 987 -12.28 23.80 20.60
CA SER E 987 -13.44 24.49 21.14
C SER E 987 -13.15 25.06 22.52
N LEU E 988 -12.45 24.29 23.36
CA LEU E 988 -12.07 24.76 24.67
C LEU E 988 -11.24 26.03 24.59
N PHE E 989 -10.22 26.03 23.71
CA PHE E 989 -9.35 27.19 23.61
C PHE E 989 -10.10 28.43 23.13
N VAL E 990 -10.94 28.28 22.11
CA VAL E 990 -11.62 29.46 21.57
C VAL E 990 -12.61 30.03 22.59
N ALA E 991 -13.34 29.16 23.30
CA ALA E 991 -14.24 29.67 24.32
C ALA E 991 -13.46 30.34 25.47
N GLU E 992 -12.31 29.77 25.83
CA GLU E 992 -11.47 30.37 26.87
C GLU E 992 -11.06 31.79 26.49
N LEU E 993 -10.53 31.97 25.28
CA LEU E 993 -10.09 33.31 24.88
C LEU E 993 -11.26 34.27 24.71
N LEU E 994 -12.41 33.77 24.23
CA LEU E 994 -13.57 34.64 24.10
C LEU E 994 -14.03 35.14 25.47
N PHE E 995 -13.99 34.27 26.48
CA PHE E 995 -14.26 34.70 27.86
C PHE E 995 -13.21 35.69 28.34
N LEU E 996 -11.94 35.45 28.01
CA LEU E 996 -10.89 36.31 28.53
C LEU E 996 -10.94 37.71 27.90
N ILE E 997 -11.50 37.83 26.70
CA ILE E 997 -11.59 39.12 26.00
C ILE E 997 -12.90 39.83 26.27
N GLY E 998 -14.02 39.11 26.16
CA GLY E 998 -15.33 39.73 26.17
C GLY E 998 -16.01 39.89 27.51
N ILE E 999 -15.28 39.80 28.62
CA ILE E 999 -15.89 40.09 29.92
C ILE E 999 -16.16 41.58 30.06
N ASN E 1000 -15.17 42.41 29.74
CA ASN E 1000 -15.24 43.85 29.99
C ASN E 1000 -15.71 44.62 28.76
N ARG E 1001 -16.90 44.27 28.28
CA ARG E 1001 -17.56 44.98 27.19
C ARG E 1001 -19.02 45.20 27.52
N THR E 1002 -19.31 45.52 28.78
CA THR E 1002 -20.67 45.74 29.24
C THR E 1002 -21.15 47.18 29.04
N ASP E 1003 -20.26 48.09 28.65
CA ASP E 1003 -20.65 49.48 28.43
C ASP E 1003 -21.45 49.67 27.15
N GLN E 1004 -21.26 48.80 26.16
CA GLN E 1004 -21.98 48.92 24.89
C GLN E 1004 -23.34 48.26 25.06
N PRO E 1005 -24.44 49.00 24.96
CA PRO E 1005 -25.76 48.40 25.22
C PRO E 1005 -26.22 47.44 24.15
N ILE E 1006 -25.67 47.50 22.94
CA ILE E 1006 -26.20 46.71 21.83
C ILE E 1006 -25.09 45.88 21.17
N ALA E 1007 -24.07 45.52 21.94
CA ALA E 1007 -22.94 44.75 21.39
C ALA E 1007 -22.57 43.52 22.20
N CYS E 1008 -22.87 43.46 23.50
CA CYS E 1008 -22.45 42.32 24.29
C CYS E 1008 -23.43 41.16 24.21
N ALA E 1009 -24.63 41.36 23.65
CA ALA E 1009 -25.49 40.23 23.35
C ALA E 1009 -24.83 39.28 22.36
N VAL E 1010 -24.05 39.81 21.43
CA VAL E 1010 -23.28 38.98 20.49
C VAL E 1010 -22.28 38.12 21.26
N PHE E 1011 -21.58 38.73 22.22
CA PHE E 1011 -20.67 37.96 23.06
C PHE E 1011 -21.41 36.86 23.81
N ALA E 1012 -22.59 37.17 24.34
CA ALA E 1012 -23.33 36.15 25.08
C ALA E 1012 -23.70 34.98 24.17
N ALA E 1013 -24.18 35.27 22.96
CA ALA E 1013 -24.52 34.19 22.03
C ALA E 1013 -23.31 33.34 21.69
N LEU E 1014 -22.18 33.98 21.38
CA LEU E 1014 -20.99 33.22 21.00
C LEU E 1014 -20.48 32.35 22.15
N LEU E 1015 -20.45 32.90 23.37
CA LEU E 1015 -19.99 32.13 24.51
C LEU E 1015 -20.91 30.95 24.77
N HIS E 1016 -22.23 31.18 24.68
CA HIS E 1016 -23.18 30.08 24.79
C HIS E 1016 -22.85 28.96 23.83
N PHE E 1017 -22.70 29.31 22.54
CA PHE E 1017 -22.50 28.29 21.52
C PHE E 1017 -21.22 27.50 21.78
N PHE E 1018 -20.13 28.19 22.11
CA PHE E 1018 -18.85 27.49 22.24
C PHE E 1018 -18.83 26.58 23.46
N PHE E 1019 -19.35 27.04 24.60
CA PHE E 1019 -19.35 26.17 25.77
C PHE E 1019 -20.25 24.95 25.55
N LEU E 1020 -21.38 25.15 24.86
CA LEU E 1020 -22.24 23.99 24.64
C LEU E 1020 -21.59 23.00 23.69
N ALA E 1021 -20.82 23.50 22.71
CA ALA E 1021 -20.05 22.59 21.84
C ALA E 1021 -19.04 21.79 22.64
N ALA E 1022 -18.38 22.43 23.62
CA ALA E 1022 -17.46 21.69 24.47
C ALA E 1022 -18.17 20.53 25.17
N PHE E 1023 -19.34 20.79 25.74
CA PHE E 1023 -20.06 19.70 26.41
C PHE E 1023 -20.39 18.57 25.43
N THR E 1024 -20.85 18.92 24.22
CA THR E 1024 -21.27 17.85 23.32
C THR E 1024 -20.07 17.00 22.88
N TRP E 1025 -18.91 17.61 22.68
CA TRP E 1025 -17.74 16.80 22.34
C TRP E 1025 -17.31 15.91 23.51
N MET E 1026 -17.45 16.37 24.76
CA MET E 1026 -17.15 15.49 25.89
C MET E 1026 -18.09 14.28 25.93
N PHE E 1027 -19.38 14.52 25.66
CA PHE E 1027 -20.32 13.40 25.62
C PHE E 1027 -19.92 12.39 24.54
N LEU E 1028 -19.51 12.89 23.37
CA LEU E 1028 -19.05 11.98 22.33
C LEU E 1028 -17.80 11.22 22.75
N GLU E 1029 -16.93 11.85 23.55
CA GLU E 1029 -15.78 11.15 24.11
C GLU E 1029 -16.22 9.95 24.93
N GLY E 1030 -17.22 10.16 25.79
CA GLY E 1030 -17.76 9.04 26.56
C GLY E 1030 -18.31 7.93 25.67
N VAL E 1031 -19.04 8.29 24.63
CA VAL E 1031 -19.61 7.27 23.75
C VAL E 1031 -18.44 6.49 23.16
N GLN E 1032 -17.41 7.19 22.70
CA GLN E 1032 -16.26 6.51 22.10
C GLN E 1032 -15.67 5.49 23.07
N LEU E 1033 -15.57 5.86 24.35
CA LEU E 1033 -15.10 4.92 25.36
C LEU E 1033 -15.96 3.66 25.38
N TYR E 1034 -17.28 3.85 25.35
CA TYR E 1034 -18.19 2.70 25.27
C TYR E 1034 -17.88 1.84 24.05
N ILE E 1035 -17.82 2.46 22.87
CA ILE E 1035 -17.64 1.67 21.65
C ILE E 1035 -16.28 1.01 21.58
N MET E 1036 -15.34 1.41 22.44
CA MET E 1036 -14.11 0.62 22.52
C MET E 1036 -14.24 -0.55 23.50
N LEU E 1037 -14.92 -0.38 24.64
CA LEU E 1037 -14.85 -1.45 25.63
C LEU E 1037 -16.07 -2.35 25.69
N VAL E 1038 -17.03 -2.23 24.78
CA VAL E 1038 -18.12 -3.17 24.64
C VAL E 1038 -18.28 -3.64 23.20
N GLU E 1039 -18.43 -2.70 22.27
CA GLU E 1039 -18.47 -3.01 20.84
C GLU E 1039 -17.06 -3.37 20.41
N VAL E 1040 -16.70 -4.63 20.68
CA VAL E 1040 -15.30 -5.03 20.66
C VAL E 1040 -14.70 -4.88 19.27
N PHE E 1041 -15.41 -5.33 18.24
CA PHE E 1041 -14.87 -5.42 16.90
C PHE E 1041 -15.02 -4.09 16.15
N GLU E 1042 -14.39 -4.02 14.99
CA GLU E 1042 -14.49 -2.84 14.15
C GLU E 1042 -15.89 -2.69 13.56
N SER E 1043 -16.31 -1.45 13.38
CA SER E 1043 -17.63 -1.18 12.83
C SER E 1043 -17.68 -1.56 11.35
N GLU E 1044 -18.90 -1.76 10.85
CA GLU E 1044 -19.08 -2.12 9.45
C GLU E 1044 -18.59 -1.02 8.52
N HIS E 1045 -18.85 0.24 8.87
CA HIS E 1045 -18.45 1.37 8.06
C HIS E 1045 -17.97 2.49 8.98
N SER E 1046 -17.18 3.40 8.40
CA SER E 1046 -16.69 4.55 9.15
C SER E 1046 -17.85 5.45 9.55
N ARG E 1047 -17.75 6.04 10.73
CA ARG E 1047 -18.83 6.85 11.29
C ARG E 1047 -18.32 8.21 11.74
N ARG E 1048 -17.52 8.86 10.89
CA ARG E 1048 -17.02 10.20 11.21
C ARG E 1048 -18.10 11.25 10.99
N LYS E 1049 -18.93 11.06 9.96
CA LYS E 1049 -19.93 12.06 9.61
C LYS E 1049 -20.95 12.25 10.72
N TYR E 1050 -21.39 11.16 11.36
CA TYR E 1050 -22.34 11.29 12.45
C TYR E 1050 -21.74 12.05 13.62
N PHE E 1051 -20.47 11.78 13.92
CA PHE E 1051 -19.81 12.48 15.02
C PHE E 1051 -19.78 13.97 14.76
N TYR E 1052 -19.31 14.39 13.58
CA TYR E 1052 -19.28 15.82 13.28
C TYR E 1052 -20.68 16.41 13.30
N LEU E 1053 -21.64 15.72 12.68
CA LEU E 1053 -22.99 16.25 12.58
C LEU E 1053 -23.60 16.50 13.95
N VAL E 1054 -23.59 15.49 14.81
CA VAL E 1054 -24.19 15.67 16.14
C VAL E 1054 -23.41 16.69 16.95
N GLY E 1055 -22.08 16.57 16.95
CA GLY E 1055 -21.25 17.44 17.77
C GLY E 1055 -21.41 18.91 17.46
N TYR E 1056 -21.55 19.26 16.18
CA TYR E 1056 -21.74 20.65 15.81
C TYR E 1056 -23.17 21.01 15.42
N GLY E 1057 -24.12 20.09 15.60
CA GLY E 1057 -25.49 20.40 15.30
C GLY E 1057 -26.36 20.55 16.53
N MET E 1058 -26.08 19.77 17.57
CA MET E 1058 -26.78 20.01 18.83
C MET E 1058 -26.55 21.42 19.36
N PRO E 1059 -25.31 21.93 19.45
CA PRO E 1059 -25.15 23.32 19.90
C PRO E 1059 -25.81 24.33 18.97
N ALA E 1060 -25.77 24.09 17.65
CA ALA E 1060 -26.36 25.04 16.71
C ALA E 1060 -27.87 25.10 16.87
N LEU E 1061 -28.52 23.95 16.92
CA LEU E 1061 -29.96 23.93 17.11
C LEU E 1061 -30.33 24.57 18.45
N ILE E 1062 -29.56 24.29 19.50
CA ILE E 1062 -29.94 24.80 20.82
C ILE E 1062 -29.79 26.33 20.86
N VAL E 1063 -28.68 26.86 20.34
CA VAL E 1063 -28.50 28.31 20.35
C VAL E 1063 -29.54 28.98 19.46
N ALA E 1064 -29.89 28.34 18.33
CA ALA E 1064 -30.91 28.92 17.46
C ALA E 1064 -32.26 29.00 18.16
N VAL E 1065 -32.66 27.92 18.83
CA VAL E 1065 -33.94 27.92 19.55
C VAL E 1065 -33.91 28.94 20.68
N SER E 1066 -32.79 29.01 21.41
CA SER E 1066 -32.69 29.97 22.52
C SER E 1066 -32.80 31.41 22.02
N ALA E 1067 -32.14 31.72 20.89
CA ALA E 1067 -32.27 33.06 20.33
C ALA E 1067 -33.69 33.33 19.83
N ALA E 1068 -34.34 32.30 19.28
CA ALA E 1068 -35.71 32.46 18.80
C ALA E 1068 -36.66 32.77 19.94
N VAL E 1069 -36.50 32.10 21.09
CA VAL E 1069 -37.42 32.31 22.20
C VAL E 1069 -37.28 33.71 22.78
N ASP E 1070 -36.04 34.19 22.94
CA ASP E 1070 -35.81 35.47 23.58
C ASP E 1070 -34.48 36.03 23.08
N TYR E 1071 -34.30 37.34 23.19
CA TYR E 1071 -33.07 38.00 22.77
C TYR E 1071 -32.44 38.85 23.86
N ARG E 1072 -33.24 39.44 24.74
CA ARG E 1072 -32.68 40.32 25.78
C ARG E 1072 -31.79 39.55 26.75
N SER E 1073 -32.10 38.28 26.99
CA SER E 1073 -31.40 37.47 27.98
C SER E 1073 -29.90 37.49 27.80
N TYR E 1074 -29.44 37.89 26.62
CA TYR E 1074 -28.02 37.91 26.30
C TYR E 1074 -27.47 39.25 26.76
N GLY E 1075 -26.52 39.23 27.69
CA GLY E 1075 -25.98 40.45 28.27
C GLY E 1075 -26.63 40.82 29.58
N THR E 1076 -25.83 41.01 30.63
CA THR E 1076 -26.33 41.26 31.97
C THR E 1076 -25.94 42.65 32.42
N ASP E 1077 -26.23 42.94 33.69
CA ASP E 1077 -25.97 44.24 34.29
C ASP E 1077 -24.54 44.40 34.77
N LYS E 1078 -23.84 43.30 35.07
CA LYS E 1078 -22.48 43.37 35.57
C LYS E 1078 -21.46 42.86 34.55
N VAL E 1079 -21.62 41.62 34.09
CA VAL E 1079 -20.79 41.07 33.01
C VAL E 1079 -21.70 40.38 32.00
N CYS E 1080 -21.57 40.76 30.74
CA CYS E 1080 -22.54 40.37 29.72
C CYS E 1080 -22.40 38.89 29.40
N TRP E 1081 -23.33 38.10 29.92
CA TRP E 1081 -23.55 36.72 29.55
C TRP E 1081 -25.05 36.48 29.71
N LEU E 1082 -25.45 35.23 29.85
CA LEU E 1082 -26.87 34.94 30.07
C LEU E 1082 -27.32 35.52 31.40
N ARG E 1083 -28.62 35.82 31.50
CA ARG E 1083 -29.18 36.58 32.61
C ARG E 1083 -29.91 35.66 33.58
N LEU E 1084 -29.67 35.88 34.88
CA LEU E 1084 -30.24 35.09 35.96
C LEU E 1084 -31.61 35.59 36.42
N ASP E 1085 -32.03 36.79 35.98
CA ASP E 1085 -33.28 37.36 36.46
C ASP E 1085 -34.50 36.57 36.02
N THR E 1086 -34.36 35.69 35.03
CA THR E 1086 -35.46 34.88 34.54
C THR E 1086 -34.90 33.51 34.16
N TYR E 1087 -35.77 32.52 34.08
CA TYR E 1087 -35.34 31.14 33.85
C TYR E 1087 -34.90 30.93 32.40
N PHE E 1088 -33.81 31.58 32.01
CA PHE E 1088 -33.17 31.30 30.73
C PHE E 1088 -31.83 30.60 30.91
N ILE E 1089 -31.23 30.70 32.10
CA ILE E 1089 -30.01 29.98 32.42
C ILE E 1089 -30.20 28.48 32.22
N TRP E 1090 -31.44 28.01 32.12
CA TRP E 1090 -31.74 26.62 31.82
C TRP E 1090 -31.38 26.23 30.39
N SER E 1091 -30.72 27.10 29.62
CA SER E 1091 -30.11 26.68 28.36
C SER E 1091 -28.66 26.26 28.54
N PHE E 1092 -28.07 26.48 29.72
CA PHE E 1092 -26.73 26.02 30.04
C PHE E 1092 -26.69 25.06 31.21
N ILE E 1093 -27.64 25.17 32.13
CA ILE E 1093 -27.73 24.20 33.23
C ILE E 1093 -28.17 22.85 32.72
N GLY E 1094 -29.14 22.81 31.77
CA GLY E 1094 -29.73 21.58 31.28
C GLY E 1094 -28.73 20.55 30.80
N PRO E 1095 -28.00 20.87 29.74
CA PRO E 1095 -26.95 19.95 29.26
C PRO E 1095 -25.90 19.64 30.31
N ALA E 1096 -25.58 20.59 31.19
CA ALA E 1096 -24.62 20.35 32.26
C ALA E 1096 -25.10 19.27 33.23
N THR E 1097 -26.38 18.94 33.22
CA THR E 1097 -26.93 17.83 33.98
C THR E 1097 -26.99 16.54 33.17
N LEU E 1098 -27.56 16.62 31.96
CA LEU E 1098 -27.81 15.46 31.13
C LEU E 1098 -26.54 14.89 30.50
N ILE E 1099 -25.41 15.57 30.62
CA ILE E 1099 -24.17 14.99 30.12
C ILE E 1099 -23.41 14.30 31.24
N ILE E 1100 -23.39 14.89 32.44
CA ILE E 1100 -22.77 14.24 33.57
C ILE E 1100 -23.52 12.98 33.95
N MET E 1101 -24.87 13.01 33.82
CA MET E 1101 -25.68 11.85 34.18
C MET E 1101 -25.33 10.63 33.34
N LEU E 1102 -24.77 10.83 32.15
CA LEU E 1102 -24.34 9.71 31.31
C LEU E 1102 -22.85 9.44 31.39
N ASN E 1103 -22.02 10.46 31.62
CA ASN E 1103 -20.60 10.21 31.81
C ASN E 1103 -20.35 9.34 33.04
N VAL E 1104 -21.16 9.53 34.09
CA VAL E 1104 -21.01 8.69 35.28
C VAL E 1104 -21.27 7.23 34.94
N ILE E 1105 -22.32 6.97 34.14
CA ILE E 1105 -22.63 5.60 33.73
C ILE E 1105 -21.51 5.01 32.90
N PHE E 1106 -20.97 5.81 31.98
CA PHE E 1106 -19.90 5.30 31.11
C PHE E 1106 -18.67 4.92 31.90
N LEU E 1107 -18.27 5.75 32.87
CA LEU E 1107 -17.12 5.38 33.67
C LEU E 1107 -17.42 4.17 34.55
N GLY E 1108 -18.65 4.07 35.03
CA GLY E 1108 -19.03 2.87 35.78
C GLY E 1108 -18.82 1.61 34.97
N ILE E 1109 -19.27 1.61 33.72
CA ILE E 1109 -19.13 0.43 32.88
C ILE E 1109 -17.67 0.12 32.58
N ALA E 1110 -16.88 1.15 32.23
CA ALA E 1110 -15.48 0.90 31.92
C ALA E 1110 -14.74 0.33 33.13
N LEU E 1111 -15.01 0.87 34.32
CA LEU E 1111 -14.32 0.37 35.50
C LEU E 1111 -14.86 -1.00 35.92
N TYR E 1112 -16.11 -1.30 35.56
CA TYR E 1112 -16.65 -2.64 35.74
C TYR E 1112 -15.89 -3.65 34.90
N LYS E 1113 -15.60 -3.32 33.65
CA LYS E 1113 -14.83 -4.22 32.79
C LYS E 1113 -13.34 -4.24 33.14
N MET E 1114 -12.86 -3.25 33.86
CA MET E 1114 -11.48 -3.24 34.37
C MET E 1114 -11.31 -4.21 35.53
N PHE E 1115 -12.42 -4.75 36.05
CA PHE E 1115 -12.40 -5.54 37.27
C PHE E 1115 -12.87 -6.97 37.03
N HIS E 1116 -13.58 -7.20 35.94
CA HIS E 1116 -14.22 -8.48 35.67
C HIS E 1116 -13.67 -9.21 34.46
N HIS E 1117 -13.34 -8.50 33.39
CA HIS E 1117 -12.67 -9.10 32.24
C HIS E 1117 -11.16 -9.04 32.34
N THR E 1118 -10.62 -8.73 33.51
CA THR E 1118 -9.18 -8.67 33.72
C THR E 1118 -8.88 -8.57 35.20
N TRP E 1143 -3.87 1.91 37.23
CA TRP E 1143 -5.23 1.49 37.54
C TRP E 1143 -6.08 2.69 37.93
N VAL E 1144 -5.88 3.19 39.15
CA VAL E 1144 -6.63 4.36 39.60
C VAL E 1144 -6.21 5.60 38.82
N ILE E 1145 -4.95 5.66 38.38
CA ILE E 1145 -4.50 6.79 37.58
C ILE E 1145 -5.27 6.85 36.27
N GLY E 1146 -5.66 5.71 35.72
CA GLY E 1146 -6.44 5.72 34.50
C GLY E 1146 -7.81 6.34 34.68
N ALA E 1147 -8.48 5.99 35.78
CA ALA E 1147 -9.77 6.62 36.05
C ALA E 1147 -9.61 8.10 36.36
N ILE E 1148 -8.51 8.48 37.01
CA ILE E 1148 -8.25 9.89 37.25
C ILE E 1148 -8.06 10.64 35.92
N ALA E 1149 -7.37 10.02 34.97
CA ALA E 1149 -7.22 10.61 33.64
C ALA E 1149 -8.56 10.73 32.92
N LEU E 1150 -9.37 9.67 32.97
CA LEU E 1150 -10.69 9.74 32.37
C LEU E 1150 -11.62 10.71 33.10
N LEU E 1151 -11.24 11.16 34.29
CA LEU E 1151 -11.98 12.17 35.01
C LEU E 1151 -11.80 13.58 34.46
N CYS E 1152 -10.73 13.84 33.70
CA CYS E 1152 -10.48 15.20 33.24
C CYS E 1152 -11.05 15.50 31.85
N LEU E 1153 -11.36 14.48 31.05
CA LEU E 1153 -12.11 14.73 29.82
C LEU E 1153 -13.59 14.85 30.12
N LEU E 1154 -14.18 13.80 30.68
CA LEU E 1154 -15.51 13.90 31.27
C LEU E 1154 -15.32 14.62 32.60
N GLY E 1155 -15.16 15.95 32.51
CA GLY E 1155 -14.80 16.74 33.66
C GLY E 1155 -15.93 16.88 34.65
N LEU E 1156 -16.24 15.79 35.34
CA LEU E 1156 -17.36 15.74 36.28
C LEU E 1156 -17.30 16.85 37.32
N THR E 1157 -16.14 17.47 37.50
CA THR E 1157 -15.94 18.47 38.53
C THR E 1157 -16.85 19.68 38.36
N TRP E 1158 -17.44 19.86 37.19
CA TRP E 1158 -18.38 20.96 37.00
C TRP E 1158 -19.55 20.87 37.97
N ALA E 1159 -19.83 19.69 38.50
CA ALA E 1159 -20.91 19.57 39.48
C ALA E 1159 -20.69 20.40 40.74
N PHE E 1160 -19.45 20.87 40.94
CA PHE E 1160 -19.13 21.78 42.05
C PHE E 1160 -19.71 23.17 41.86
N GLY E 1161 -20.55 23.35 40.85
CA GLY E 1161 -21.22 24.61 40.71
C GLY E 1161 -22.70 24.57 41.02
N LEU E 1162 -23.31 23.39 40.84
CA LEU E 1162 -24.77 23.32 40.90
C LEU E 1162 -25.32 23.45 42.31
N MET E 1163 -24.47 23.38 43.34
CA MET E 1163 -24.93 23.27 44.72
C MET E 1163 -24.81 24.56 45.52
N TYR E 1164 -24.32 25.66 44.92
CA TYR E 1164 -24.06 26.88 45.67
C TYR E 1164 -25.41 27.52 46.01
N ILE E 1165 -26.07 26.98 47.02
CA ILE E 1165 -27.39 27.49 47.41
C ILE E 1165 -27.30 28.93 47.88
N ASN E 1166 -26.33 29.22 48.74
CA ASN E 1166 -26.17 30.52 49.36
C ASN E 1166 -24.85 30.51 50.12
N GLU E 1167 -24.59 31.57 50.88
CA GLU E 1167 -23.40 31.61 51.70
C GLU E 1167 -23.41 30.46 52.70
N SER E 1168 -22.22 30.18 53.26
CA SER E 1168 -21.83 28.98 54.00
C SER E 1168 -21.66 27.86 52.99
N THR E 1169 -21.41 28.17 51.72
CA THR E 1169 -20.99 27.22 50.70
C THR E 1169 -19.87 27.81 49.84
N VAL E 1170 -18.92 28.50 50.47
CA VAL E 1170 -17.81 29.08 49.73
C VAL E 1170 -16.80 28.01 49.33
N ILE E 1171 -16.72 26.92 50.09
CA ILE E 1171 -15.75 25.87 49.80
C ILE E 1171 -16.01 25.27 48.42
N MET E 1172 -17.28 24.99 48.12
CA MET E 1172 -17.60 24.32 46.87
C MET E 1172 -17.37 25.24 45.66
N ALA E 1173 -17.54 26.55 45.83
CA ALA E 1173 -17.22 27.47 44.73
C ALA E 1173 -15.71 27.60 44.54
N TYR E 1174 -14.94 27.58 45.64
CA TYR E 1174 -13.50 27.48 45.49
C TYR E 1174 -13.12 26.24 44.69
N LEU E 1175 -13.73 25.11 44.98
CA LEU E 1175 -13.46 23.89 44.22
C LEU E 1175 -13.80 24.09 42.75
N PHE E 1176 -14.97 24.72 42.47
CA PHE E 1176 -15.39 24.97 41.10
C PHE E 1176 -14.31 25.71 40.33
N THR E 1177 -13.83 26.83 40.88
CA THR E 1177 -12.79 27.57 40.20
C THR E 1177 -11.51 26.76 40.07
N ILE E 1178 -11.01 26.22 41.18
CA ILE E 1178 -9.66 25.66 41.17
C ILE E 1178 -9.57 24.44 40.27
N PHE E 1179 -10.66 23.67 40.14
CA PHE E 1179 -10.64 22.55 39.22
C PHE E 1179 -10.88 23.01 37.77
N ASN E 1180 -11.99 23.72 37.54
CA ASN E 1180 -12.38 23.97 36.16
C ASN E 1180 -11.41 24.88 35.43
N SER E 1181 -10.80 25.84 36.11
CA SER E 1181 -9.93 26.76 35.39
C SER E 1181 -8.63 26.11 34.94
N LEU E 1182 -8.29 24.92 35.43
CA LEU E 1182 -7.09 24.22 35.00
C LEU E 1182 -7.40 22.97 34.18
N GLN E 1183 -8.55 22.94 33.52
CA GLN E 1183 -8.97 21.72 32.84
C GLN E 1183 -8.04 21.42 31.68
N GLY E 1184 -7.71 22.44 30.88
CA GLY E 1184 -6.82 22.20 29.75
C GLY E 1184 -5.47 21.66 30.17
N MET E 1185 -4.88 22.24 31.22
CA MET E 1185 -3.59 21.76 31.71
C MET E 1185 -3.70 20.34 32.24
N PHE E 1186 -4.80 20.04 32.95
CA PHE E 1186 -4.99 18.68 33.43
C PHE E 1186 -5.11 17.67 32.28
N ILE E 1187 -5.89 17.98 31.25
CA ILE E 1187 -6.01 17.01 30.16
C ILE E 1187 -4.70 16.91 29.40
N PHE E 1188 -3.88 17.98 29.42
CA PHE E 1188 -2.56 17.90 28.82
C PHE E 1188 -1.69 16.90 29.56
N ILE E 1189 -1.69 16.99 30.87
CA ILE E 1189 -0.91 16.02 31.64
C ILE E 1189 -1.42 14.61 31.43
N PHE E 1190 -2.75 14.43 31.43
CA PHE E 1190 -3.29 13.08 31.40
C PHE E 1190 -3.37 12.46 30.00
N HIS E 1191 -3.22 13.25 28.93
CA HIS E 1191 -3.27 12.65 27.60
C HIS E 1191 -2.26 13.24 26.62
N CYS E 1192 -1.14 13.78 27.08
CA CYS E 1192 -0.08 14.22 26.17
C CYS E 1192 1.31 13.80 26.59
N VAL E 1193 1.57 13.55 27.87
CA VAL E 1193 2.90 13.24 28.37
C VAL E 1193 2.94 11.89 29.07
N LEU E 1194 1.93 11.58 29.89
CA LEU E 1194 1.96 10.36 30.69
C LEU E 1194 2.02 9.11 29.82
N GLN E 1195 1.27 9.09 28.73
CA GLN E 1195 1.30 7.94 27.83
C GLN E 1195 2.65 7.83 27.14
N LYS E 1196 3.20 6.62 27.09
CA LYS E 1196 4.47 6.41 26.42
C LYS E 1196 4.31 6.40 24.91
N LYS E 1197 3.13 6.06 24.41
CA LYS E 1197 2.90 6.06 22.97
C LYS E 1197 3.08 7.45 22.38
N VAL E 1198 2.40 8.45 22.95
CA VAL E 1198 2.52 9.80 22.44
C VAL E 1198 3.93 10.34 22.65
N ARG E 1199 4.59 9.97 23.75
CA ARG E 1199 5.97 10.41 23.96
C ARG E 1199 6.88 9.88 22.87
N LYS E 1200 6.79 8.58 22.58
CA LYS E 1200 7.63 7.99 21.55
C LYS E 1200 7.33 8.59 20.18
N GLU E 1201 6.05 8.79 19.87
CA GLU E 1201 5.69 9.36 18.57
C GLU E 1201 6.21 10.78 18.43
N TYR E 1202 6.07 11.59 19.49
CA TYR E 1202 6.56 12.96 19.45
C TYR E 1202 8.07 13.00 19.28
N GLY E 1203 8.79 12.15 20.04
CA GLY E 1203 10.23 12.11 19.90
C GLY E 1203 10.68 11.66 18.52
N LYS E 1204 9.94 10.72 17.92
CA LYS E 1204 10.33 10.21 16.61
C LYS E 1204 10.05 11.22 15.51
N CYS E 1205 8.89 11.87 15.53
CA CYS E 1205 8.47 12.66 14.38
C CYS E 1205 8.77 14.15 14.55
N LEU E 1206 8.57 14.71 15.74
CA LEU E 1206 8.77 16.15 15.93
C LEU E 1206 10.23 16.54 15.69
N ARG E 1207 11.17 15.72 16.17
CA ARG E 1207 12.58 16.03 16.01
C ARG E 1207 13.10 15.74 14.61
N THR E 1208 12.31 15.11 13.76
CA THR E 1208 12.72 14.82 12.39
C THR E 1208 12.80 16.10 11.56
#